data_6FZ3
#
_entry.id   6FZ3
#
_cell.length_a   91.278
_cell.length_b   58.000
_cell.length_c   153.309
_cell.angle_alpha   90.00
_cell.angle_beta   92.18
_cell.angle_gamma   90.00
#
_symmetry.space_group_name_H-M   'C 1 2 1'
#
loop_
_entity.id
_entity.type
_entity.pdbx_description
1 polymer 'Glycylpeptide N-tetradecanoyltransferase 1'
2 non-polymer 2,6-bis(chloranyl)-4-[2-(4-methylpiperazin-1-yl)pyridin-4-yl]-~{N}-(1,3,5-trimethylpyrazol-4-yl)benzenesulfonamide
3 non-polymer TETRADECANOYL-COA
4 non-polymer 'MAGNESIUM ION'
5 non-polymer GLYCEROL
6 water water
#
_entity_poly.entity_id   1
_entity_poly.type   'polypeptide(L)'
_entity_poly.pdbx_seq_one_letter_code
;MGSSHHHHHHSSGRENLYFQGRSYQFWDTQPVPKLGEVVNTHGPVEPDKDNIRQEPYTLPQGFTWDALDLGDRGVLKELY
TLLNENYVEDDDNMFRFDYSPEFLLWALRPPGWLPQWHCGVRVVSSRKLVGFISAIPANIHIYDTEKKMVEINFLCVHKK
LRSKRVAPVLIREITRRVHLEGIFQAVYTAGVVLPKPVGTCRYWHRSLNPRKLIEVKFSHLSRNMTMQRTMKLYRLPETP
KTAGLRPMETKDIPVVHQLLTRYLKQFHLTPVMSQEEVEHWFYPQENIIDTFVVENANGEVTDFLSFYTLPSTIMNHPTH
KSLKAAYSFYNVHTQTPLLDLMSDALVLAKMKGFDVFNALDLMENKTFLEKLKFGIGDGNLQYYLYNWKCPSMGAEKVGL
VLQ
;
_entity_poly.pdbx_strand_id   A,B
#
loop_
_chem_comp.id
_chem_comp.type
_chem_comp.name
_chem_comp.formula
EBK non-polymer 2,6-bis(chloranyl)-4-[2-(4-methylpiperazin-1-yl)pyridin-4-yl]-~{N}-(1,3,5-trimethylpyrazol-4-yl)benzenesulfonamide 'C22 H26 Cl2 N6 O2 S'
GOL non-polymer GLYCEROL 'C3 H8 O3'
MG non-polymer 'MAGNESIUM ION' 'Mg 2'
MYA non-polymer TETRADECANOYL-COA 'C35 H62 N7 O17 P3 S'
#
# COMPACT_ATOMS: atom_id res chain seq x y z
N LEU A 17 27.04 -8.96 34.48
CA LEU A 17 26.33 -7.66 34.71
C LEU A 17 25.02 -7.62 33.92
N TYR A 18 23.91 -7.92 34.60
CA TYR A 18 22.59 -7.90 33.98
C TYR A 18 22.13 -6.45 33.73
N PHE A 19 21.55 -5.81 34.75
CA PHE A 19 20.89 -4.51 34.58
C PHE A 19 21.86 -3.38 34.23
N GLN A 20 21.51 -2.60 33.21
CA GLN A 20 22.22 -1.37 32.84
C GLN A 20 21.22 -0.22 32.80
N GLY A 21 20.30 -0.20 33.78
CA GLY A 21 19.32 0.89 33.90
C GLY A 21 17.92 0.58 33.42
N ARG A 22 17.80 -0.46 32.58
CA ARG A 22 16.53 -0.85 31.96
CA ARG A 22 16.52 -0.84 32.00
C ARG A 22 16.36 -2.36 32.11
N SER A 23 15.32 -2.77 32.85
CA SER A 23 14.77 -4.13 32.74
C SER A 23 13.49 -3.86 31.97
N TYR A 24 13.38 -4.47 30.79
CA TYR A 24 12.46 -3.96 29.76
C TYR A 24 11.05 -4.53 29.91
N GLN A 25 10.28 -3.99 30.86
CA GLN A 25 8.94 -4.46 31.21
C GLN A 25 8.00 -4.54 29.98
N PHE A 26 8.00 -3.50 29.15
CA PHE A 26 7.22 -3.49 27.90
C PHE A 26 7.90 -4.30 26.80
N TRP A 27 9.13 -3.94 26.46
CA TRP A 27 9.78 -4.48 25.28
C TRP A 27 10.03 -5.98 25.33
N ASP A 28 10.26 -6.56 26.52
CA ASP A 28 10.40 -8.02 26.70
C ASP A 28 9.16 -8.83 26.32
N THR A 29 7.99 -8.20 26.31
CA THR A 29 6.73 -8.80 25.82
C THR A 29 6.57 -8.76 24.29
N GLN A 30 7.44 -8.00 23.58
CA GLN A 30 7.24 -7.73 22.16
C GLN A 30 8.01 -8.68 21.28
N PRO A 31 7.53 -8.89 20.03
CA PRO A 31 8.21 -9.77 19.09
C PRO A 31 9.49 -9.12 18.50
N VAL A 32 10.52 -9.01 19.35
CA VAL A 32 11.84 -8.49 18.98
C VAL A 32 12.91 -9.36 19.67
N PRO A 33 14.12 -9.47 19.11
CA PRO A 33 15.16 -10.21 19.84
C PRO A 33 15.55 -9.52 21.15
N LYS A 34 16.01 -10.32 22.11
CA LYS A 34 16.51 -9.80 23.37
C LYS A 34 17.82 -9.04 23.12
N LEU A 35 18.06 -7.97 23.86
CA LEU A 35 19.38 -7.32 23.90
C LEU A 35 20.45 -8.35 24.27
N GLY A 36 21.52 -8.40 23.48
CA GLY A 36 22.61 -9.37 23.76
C GLY A 36 22.40 -10.79 23.26
N GLU A 37 21.24 -11.07 22.68
CA GLU A 37 21.02 -12.30 21.93
C GLU A 37 21.79 -12.15 20.62
N VAL A 38 22.72 -13.05 20.31
CA VAL A 38 23.33 -13.07 18.98
C VAL A 38 22.35 -13.72 18.00
N VAL A 39 22.08 -13.06 16.87
CA VAL A 39 21.12 -13.57 15.88
C VAL A 39 21.89 -14.11 14.68
N ASN A 40 21.63 -15.36 14.34
CA ASN A 40 22.15 -16.00 13.12
C ASN A 40 21.08 -16.30 12.06
N THR A 41 19.80 -16.24 12.44
CA THR A 41 18.68 -16.55 11.56
C THR A 41 18.19 -15.29 10.82
N HIS A 42 17.28 -15.49 9.87
CA HIS A 42 16.59 -14.42 9.14
C HIS A 42 15.12 -14.76 9.06
N GLY A 43 14.27 -13.95 9.67
CA GLY A 43 12.82 -14.12 9.53
C GLY A 43 11.98 -13.53 10.63
N PRO A 44 10.65 -13.67 10.53
CA PRO A 44 9.78 -13.14 11.57
C PRO A 44 9.99 -13.84 12.93
N VAL A 45 9.75 -13.09 13.99
CA VAL A 45 9.80 -13.60 15.35
C VAL A 45 8.52 -14.39 15.68
N GLU A 46 7.37 -13.91 15.19
CA GLU A 46 6.08 -14.59 15.37
C GLU A 46 5.31 -14.60 14.03
N PRO A 47 4.33 -15.52 13.89
CA PRO A 47 3.58 -15.58 12.62
C PRO A 47 2.64 -14.38 12.38
N ASP A 48 2.34 -14.12 11.11
CA ASP A 48 1.30 -13.18 10.74
C ASP A 48 0.00 -13.60 11.42
N LYS A 49 -0.62 -12.65 12.11
CA LYS A 49 -1.82 -12.89 12.89
C LYS A 49 -3.03 -12.96 11.98
N ASP A 50 -3.87 -13.99 12.13
CA ASP A 50 -5.06 -14.09 11.26
C ASP A 50 -6.37 -13.63 11.95
N ASN A 51 -6.26 -13.09 13.16
CA ASN A 51 -7.33 -12.35 13.80
C ASN A 51 -6.73 -11.23 14.63
N ILE A 52 -7.26 -10.03 14.47
CA ILE A 52 -6.69 -8.83 15.08
C ILE A 52 -7.77 -8.17 15.94
N ARG A 53 -7.36 -7.80 17.15
CA ARG A 53 -8.19 -7.02 18.08
C ARG A 53 -8.85 -5.86 17.35
N GLN A 54 -10.19 -5.80 17.37
CA GLN A 54 -10.93 -4.69 16.76
C GLN A 54 -11.03 -3.43 17.61
N GLU A 55 -10.89 -3.57 18.93
CA GLU A 55 -11.11 -2.47 19.87
C GLU A 55 -9.77 -1.75 20.13
N PRO A 56 -9.78 -0.40 20.16
CA PRO A 56 -8.57 0.30 20.59
C PRO A 56 -8.15 -0.14 22.00
N TYR A 57 -6.87 -0.02 22.29
CA TYR A 57 -6.34 -0.24 23.63
C TYR A 57 -6.85 0.83 24.59
N THR A 58 -7.05 0.42 25.84
CA THR A 58 -7.51 1.31 26.88
C THR A 58 -6.42 2.29 27.32
N LEU A 59 -6.74 3.57 27.28
CA LEU A 59 -5.91 4.61 27.80
C LEU A 59 -6.32 4.82 29.26
N PRO A 60 -5.45 5.45 30.07
CA PRO A 60 -5.87 5.88 31.41
C PRO A 60 -7.11 6.79 31.38
N GLN A 61 -7.83 6.82 32.50
CA GLN A 61 -9.06 7.60 32.61
C GLN A 61 -8.81 9.06 32.24
N GLY A 62 -9.71 9.64 31.47
CA GLY A 62 -9.59 11.04 31.04
C GLY A 62 -8.85 11.29 29.72
N PHE A 63 -8.42 10.23 29.02
CA PHE A 63 -7.75 10.37 27.70
C PHE A 63 -8.45 9.53 26.64
N THR A 64 -8.41 9.98 25.40
CA THR A 64 -9.09 9.26 24.29
C THR A 64 -8.23 9.30 23.03
N TRP A 65 -8.43 8.32 22.17
CA TRP A 65 -7.75 8.28 20.88
C TRP A 65 -8.35 9.30 19.96
N ASP A 66 -7.53 9.77 19.03
CA ASP A 66 -8.04 10.54 17.90
C ASP A 66 -7.09 10.49 16.70
N ALA A 67 -7.59 10.01 15.57
CA ALA A 67 -6.86 10.01 14.31
C ALA A 67 -6.85 11.43 13.71
N LEU A 68 -5.66 12.01 13.56
CA LEU A 68 -5.51 13.42 13.20
C LEU A 68 -5.55 13.62 11.68
N ASP A 69 -6.53 14.38 11.21
CA ASP A 69 -6.60 14.79 9.79
C ASP A 69 -5.67 15.97 9.61
N LEU A 70 -4.46 15.71 9.11
CA LEU A 70 -3.48 16.78 8.91
C LEU A 70 -3.82 17.74 7.75
N GLY A 71 -4.82 17.40 6.95
CA GLY A 71 -5.43 18.32 5.96
C GLY A 71 -6.34 19.39 6.56
N ASP A 72 -6.69 19.24 7.84
CA ASP A 72 -7.28 20.32 8.64
C ASP A 72 -6.10 21.10 9.21
N ARG A 73 -6.01 22.38 8.83
CA ARG A 73 -4.92 23.28 9.21
C ARG A 73 -4.78 23.46 10.74
N GLY A 74 -5.91 23.60 11.43
CA GLY A 74 -5.93 23.69 12.89
C GLY A 74 -5.38 22.47 13.62
N VAL A 75 -5.71 21.28 13.11
CA VAL A 75 -5.22 20.03 13.70
C VAL A 75 -3.71 19.87 13.44
N LEU A 76 -3.27 20.19 12.22
CA LEU A 76 -1.86 20.22 11.89
C LEU A 76 -1.09 21.15 12.82
N LYS A 77 -1.64 22.33 13.06
CA LYS A 77 -1.05 23.26 14.03
C LYS A 77 -0.97 22.67 15.43
N GLU A 78 -2.01 21.94 15.87
CA GLU A 78 -1.98 21.28 17.18
C GLU A 78 -0.80 20.29 17.27
N LEU A 79 -0.60 19.48 16.22
CA LEU A 79 0.51 18.54 16.20
C LEU A 79 1.85 19.25 16.18
N TYR A 80 1.95 20.29 15.35
CA TYR A 80 3.13 21.16 15.32
C TYR A 80 3.52 21.64 16.73
N THR A 81 2.52 22.13 17.47
CA THR A 81 2.72 22.66 18.81
C THR A 81 3.16 21.58 19.79
N LEU A 82 2.51 20.41 19.77
CA LEU A 82 2.92 19.28 20.64
C LEU A 82 4.38 18.93 20.43
N LEU A 83 4.79 18.81 19.17
CA LEU A 83 6.16 18.42 18.86
C LEU A 83 7.15 19.57 19.13
N ASN A 84 6.80 20.78 18.72
CA ASN A 84 7.62 21.98 18.99
C ASN A 84 7.91 22.12 20.49
N GLU A 85 6.94 21.78 21.33
CA GLU A 85 7.08 21.90 22.79
C GLU A 85 7.57 20.66 23.51
N ASN A 86 7.44 19.47 22.91
CA ASN A 86 7.73 18.21 23.65
C ASN A 86 8.54 17.11 22.93
N TYR A 87 9.04 17.36 21.72
CA TYR A 87 9.78 16.33 21.00
C TYR A 87 11.28 16.46 21.38
N VAL A 88 12.16 15.86 20.58
CA VAL A 88 13.53 15.56 21.02
C VAL A 88 14.29 16.83 21.43
N GLU A 89 14.86 16.78 22.63
CA GLU A 89 15.77 17.81 23.15
C GLU A 89 17.14 17.20 23.40
N ASP A 90 18.17 18.04 23.39
CA ASP A 90 19.50 17.60 23.81
C ASP A 90 19.50 17.44 25.34
N ASP A 91 20.52 16.76 25.86
CA ASP A 91 20.57 16.46 27.30
C ASP A 91 20.77 17.67 28.22
N ASP A 92 21.30 18.77 27.70
CA ASP A 92 21.44 20.01 28.50
C ASP A 92 20.28 21.01 28.30
N ASN A 93 19.22 20.62 27.60
CA ASN A 93 18.00 21.42 27.44
C ASN A 93 18.25 22.81 26.81
N MET A 94 19.07 22.81 25.76
CA MET A 94 19.39 24.03 25.00
C MET A 94 18.70 24.06 23.63
N PHE A 95 18.49 22.88 23.03
CA PHE A 95 17.95 22.76 21.68
C PHE A 95 16.75 21.81 21.69
N ARG A 96 15.73 22.13 20.90
CA ARG A 96 14.63 21.18 20.65
C ARG A 96 14.23 21.26 19.18
N PHE A 97 13.96 20.10 18.56
CA PHE A 97 13.56 20.11 17.14
C PHE A 97 12.32 20.93 16.92
N ASP A 98 12.28 21.53 15.74
CA ASP A 98 11.20 22.44 15.38
C ASP A 98 10.77 22.12 13.97
N TYR A 99 10.20 20.92 13.79
CA TYR A 99 9.64 20.46 12.50
C TYR A 99 8.52 21.41 12.09
N SER A 100 8.60 21.97 10.89
CA SER A 100 7.57 22.91 10.43
C SER A 100 6.29 22.14 10.07
N PRO A 101 5.12 22.81 10.05
CA PRO A 101 3.87 22.15 9.64
C PRO A 101 3.94 21.57 8.23
N GLU A 102 4.56 22.28 7.31
CA GLU A 102 4.69 21.82 5.92
C GLU A 102 5.65 20.64 5.82
N PHE A 103 6.75 20.67 6.59
CA PHE A 103 7.61 19.49 6.75
C PHE A 103 6.82 18.26 7.25
N LEU A 104 6.05 18.48 8.32
CA LEU A 104 5.23 17.40 8.86
C LEU A 104 4.29 16.79 7.81
N LEU A 105 3.70 17.63 6.96
CA LEU A 105 2.87 17.12 5.85
C LEU A 105 3.70 16.25 4.88
N TRP A 106 4.89 16.72 4.52
CA TRP A 106 5.82 15.95 3.70
C TRP A 106 6.20 14.61 4.31
N ALA A 107 6.56 14.63 5.61
CA ALA A 107 6.96 13.40 6.29
C ALA A 107 5.82 12.40 6.56
N LEU A 108 4.61 12.90 6.77
CA LEU A 108 3.48 12.06 7.24
C LEU A 108 2.44 11.72 6.18
N ARG A 109 2.49 12.40 5.04
CA ARG A 109 1.62 12.05 3.92
C ARG A 109 2.35 11.65 2.64
N PRO A 110 3.26 10.65 2.72
CA PRO A 110 3.80 10.08 1.47
C PRO A 110 2.78 9.17 0.82
N PRO A 111 3.08 8.67 -0.40
CA PRO A 111 2.14 7.74 -1.03
C PRO A 111 1.74 6.58 -0.13
N GLY A 112 0.43 6.33 -0.06
CA GLY A 112 -0.15 5.24 0.74
C GLY A 112 -0.42 5.59 2.19
N TRP A 113 -0.22 6.85 2.59
CA TRP A 113 -0.46 7.29 3.96
C TRP A 113 -1.94 7.03 4.31
N LEU A 114 -2.21 6.73 5.58
CA LEU A 114 -3.56 6.49 6.09
C LEU A 114 -3.84 7.40 7.29
N PRO A 115 -5.06 7.99 7.33
CA PRO A 115 -5.37 8.88 8.45
C PRO A 115 -5.35 8.16 9.80
N GLN A 116 -5.73 6.90 9.84
CA GLN A 116 -5.74 6.13 11.09
C GLN A 116 -4.33 5.87 11.67
N TRP A 117 -3.30 6.02 10.82
CA TRP A 117 -1.91 5.91 11.24
C TRP A 117 -1.31 7.23 11.69
N HIS A 118 -2.12 8.29 11.78
CA HIS A 118 -1.71 9.55 12.44
C HIS A 118 -2.44 9.54 13.78
N CYS A 119 -1.84 8.81 14.73
CA CYS A 119 -2.55 8.34 15.91
C CYS A 119 -2.30 9.29 17.07
N GLY A 120 -3.34 10.03 17.44
CA GLY A 120 -3.26 11.01 18.51
C GLY A 120 -3.94 10.53 19.79
N VAL A 121 -3.54 11.18 20.89
CA VAL A 121 -4.13 11.03 22.21
C VAL A 121 -4.51 12.41 22.70
N ARG A 122 -5.79 12.56 23.08
CA ARG A 122 -6.34 13.81 23.55
C ARG A 122 -6.96 13.66 24.94
N VAL A 123 -6.98 14.76 25.69
CA VAL A 123 -7.69 14.83 26.97
C VAL A 123 -9.20 14.85 26.64
N VAL A 124 -9.99 13.99 27.30
CA VAL A 124 -11.43 13.87 27.02
C VAL A 124 -12.17 15.20 27.23
N SER A 125 -11.91 15.84 28.37
CA SER A 125 -12.67 17.05 28.75
C SER A 125 -12.34 18.27 27.87
N SER A 126 -11.06 18.58 27.71
CA SER A 126 -10.64 19.75 26.92
C SER A 126 -10.31 19.48 25.45
N ARG A 127 -10.22 18.19 25.06
CA ARG A 127 -9.73 17.79 23.73
C ARG A 127 -8.26 18.19 23.41
N LYS A 128 -7.48 18.58 24.41
CA LYS A 128 -6.06 18.94 24.22
C LYS A 128 -5.20 17.76 23.74
N LEU A 129 -4.39 17.99 22.71
CA LEU A 129 -3.50 16.95 22.16
C LEU A 129 -2.27 16.78 23.04
N VAL A 130 -2.12 15.59 23.62
CA VAL A 130 -1.00 15.28 24.54
C VAL A 130 -0.17 14.07 24.14
N GLY A 131 -0.53 13.37 23.05
CA GLY A 131 0.23 12.19 22.62
C GLY A 131 0.13 12.01 21.12
N PHE A 132 1.18 11.47 20.52
CA PHE A 132 1.17 11.14 19.08
C PHE A 132 2.11 9.99 18.76
N ILE A 133 1.72 9.20 17.77
CA ILE A 133 2.64 8.29 17.09
C ILE A 133 2.15 8.14 15.65
N SER A 134 3.09 7.94 14.72
CA SER A 134 2.75 7.80 13.31
C SER A 134 3.35 6.57 12.68
N ALA A 135 2.62 5.99 11.74
CA ALA A 135 3.12 5.00 10.80
C ALA A 135 2.92 5.51 9.37
N ILE A 136 3.96 5.34 8.56
CA ILE A 136 3.83 5.50 7.12
C ILE A 136 4.27 4.18 6.44
N PRO A 137 3.61 3.79 5.33
CA PRO A 137 4.00 2.55 4.67
C PRO A 137 5.30 2.71 3.89
N ALA A 138 6.08 1.64 3.81
CA ALA A 138 7.29 1.62 3.01
C ALA A 138 7.68 0.20 2.67
N ASN A 139 8.16 -0.01 1.47
CA ASN A 139 8.73 -1.30 1.10
C ASN A 139 10.18 -1.26 1.56
N ILE A 140 10.61 -2.29 2.29
CA ILE A 140 11.93 -2.33 2.91
C ILE A 140 12.68 -3.57 2.47
N HIS A 141 13.92 -3.37 2.04
CA HIS A 141 14.82 -4.45 1.68
C HIS A 141 15.74 -4.68 2.89
N ILE A 142 15.68 -5.90 3.44
CA ILE A 142 16.51 -6.30 4.57
C ILE A 142 17.23 -7.59 4.19
N TYR A 143 18.56 -7.47 3.98
CA TYR A 143 19.39 -8.55 3.43
C TYR A 143 18.77 -9.11 2.12
N ASP A 144 18.37 -10.38 2.08
CA ASP A 144 17.83 -11.03 0.86
C ASP A 144 16.28 -11.00 0.80
N THR A 145 15.65 -10.25 1.70
CA THR A 145 14.18 -10.17 1.75
C THR A 145 13.70 -8.75 1.51
N GLU A 146 12.59 -8.63 0.77
CA GLU A 146 11.88 -7.38 0.60
C GLU A 146 10.49 -7.58 1.21
N LYS A 147 10.15 -6.78 2.21
CA LYS A 147 8.84 -6.82 2.90
C LYS A 147 8.18 -5.46 2.83
N LYS A 148 6.85 -5.46 2.71
CA LYS A 148 6.04 -4.26 2.98
C LYS A 148 6.03 -4.09 4.50
N MET A 149 6.45 -2.92 4.96
CA MET A 149 6.52 -2.59 6.39
C MET A 149 5.89 -1.22 6.61
N VAL A 150 5.92 -0.77 7.85
CA VAL A 150 5.71 0.65 8.14
C VAL A 150 6.95 1.26 8.77
N GLU A 151 7.07 2.58 8.64
CA GLU A 151 8.10 3.33 9.37
C GLU A 151 7.37 4.06 10.49
N ILE A 152 7.83 3.88 11.72
CA ILE A 152 7.25 4.57 12.86
C ILE A 152 8.08 5.80 13.22
N ASN A 153 7.42 6.93 13.41
CA ASN A 153 8.12 8.19 13.74
C ASN A 153 7.21 9.11 14.57
N PHE A 154 7.79 10.16 15.13
CA PHE A 154 7.08 11.21 15.86
C PHE A 154 6.33 10.70 17.09
N LEU A 155 6.87 9.68 17.74
CA LEU A 155 6.39 9.22 19.06
C LEU A 155 6.67 10.33 20.02
N CYS A 156 5.61 10.83 20.65
CA CYS A 156 5.71 11.99 21.53
C CYS A 156 4.62 11.93 22.61
N VAL A 157 5.01 12.05 23.87
CA VAL A 157 4.08 12.26 24.97
C VAL A 157 4.40 13.60 25.62
N HIS A 158 3.37 14.41 25.82
CA HIS A 158 3.49 15.71 26.52
C HIS A 158 4.30 15.57 27.82
N LYS A 159 5.19 16.54 28.09
CA LYS A 159 6.08 16.51 29.26
C LYS A 159 5.37 16.25 30.58
N LYS A 160 4.18 16.83 30.76
CA LYS A 160 3.35 16.64 31.96
C LYS A 160 2.69 15.25 32.06
N LEU A 161 2.75 14.46 30.99
CA LEU A 161 2.27 13.07 30.99
C LEU A 161 3.39 12.01 31.02
N ARG A 162 4.65 12.44 31.25
CA ARG A 162 5.79 11.53 31.14
C ARG A 162 5.86 10.53 32.28
N SER A 163 6.40 9.35 31.96
CA SER A 163 6.61 8.25 32.90
C SER A 163 5.32 7.70 33.51
N LYS A 164 4.20 7.85 32.80
CA LYS A 164 2.92 7.24 33.17
C LYS A 164 2.53 6.03 32.28
N ARG A 165 3.50 5.45 31.57
CA ARG A 165 3.28 4.23 30.74
C ARG A 165 2.35 4.45 29.55
N VAL A 166 2.27 5.68 29.06
CA VAL A 166 1.45 6.01 27.88
C VAL A 166 2.15 5.58 26.58
N ALA A 167 3.49 5.64 26.54
CA ALA A 167 4.22 5.27 25.31
C ALA A 167 3.95 3.81 24.85
N PRO A 168 4.03 2.83 25.78
CA PRO A 168 3.64 1.46 25.43
C PRO A 168 2.20 1.34 24.86
N VAL A 169 1.30 2.18 25.33
CA VAL A 169 -0.07 2.13 24.84
C VAL A 169 -0.13 2.69 23.40
N LEU A 170 0.56 3.80 23.16
CA LEU A 170 0.73 4.34 21.81
C LEU A 170 1.36 3.31 20.86
N ILE A 171 2.40 2.60 21.32
CA ILE A 171 3.05 1.59 20.51
C ILE A 171 2.15 0.38 20.19
N ARG A 172 1.44 -0.14 21.19
CA ARG A 172 0.50 -1.24 20.97
C ARG A 172 -0.66 -0.84 20.04
N GLU A 173 -1.12 0.38 20.18
CA GLU A 173 -2.24 0.87 19.38
C GLU A 173 -1.88 1.08 17.90
N ILE A 174 -0.71 1.70 17.61
CA ILE A 174 -0.28 1.80 16.20
C ILE A 174 0.01 0.40 15.63
N THR A 175 0.54 -0.51 16.46
CA THR A 175 0.79 -1.90 16.06
C THR A 175 -0.53 -2.57 15.60
N ARG A 176 -1.57 -2.47 16.42
CA ARG A 176 -2.90 -2.96 16.10
C ARG A 176 -3.43 -2.37 14.77
N ARG A 177 -3.36 -1.05 14.66
CA ARG A 177 -3.85 -0.33 13.48
C ARG A 177 -3.12 -0.71 12.21
N VAL A 178 -1.84 -1.04 12.34
CA VAL A 178 -1.01 -1.51 11.22
C VAL A 178 -1.34 -2.97 10.88
N HIS A 179 -1.46 -3.83 11.90
CA HIS A 179 -1.91 -5.22 11.73
C HIS A 179 -3.25 -5.33 10.99
N LEU A 180 -4.19 -4.41 11.26
CA LEU A 180 -5.48 -4.39 10.58
C LEU A 180 -5.35 -4.25 9.06
N GLU A 181 -4.25 -3.61 8.61
CA GLU A 181 -3.98 -3.43 7.19
C GLU A 181 -3.07 -4.53 6.65
N GLY A 182 -2.83 -5.56 7.45
CA GLY A 182 -2.12 -6.75 7.01
C GLY A 182 -0.60 -6.59 6.95
N ILE A 183 -0.05 -5.67 7.74
CA ILE A 183 1.41 -5.49 7.80
C ILE A 183 1.90 -5.94 9.19
N PHE A 184 2.97 -6.71 9.19
CA PHE A 184 3.45 -7.36 10.41
C PHE A 184 4.89 -7.09 10.74
N GLN A 185 5.52 -6.15 10.02
CA GLN A 185 6.87 -5.70 10.32
C GLN A 185 6.94 -4.17 10.28
N ALA A 186 7.90 -3.63 11.03
CA ALA A 186 8.17 -2.21 11.03
C ALA A 186 9.65 -1.91 11.18
N VAL A 187 10.01 -0.71 10.77
CA VAL A 187 11.36 -0.20 10.95
C VAL A 187 11.22 1.13 11.68
N TYR A 188 12.15 1.39 12.60
CA TYR A 188 12.17 2.63 13.39
C TYR A 188 13.57 2.95 13.89
N THR A 189 13.83 4.24 14.11
CA THR A 189 15.07 4.69 14.75
C THR A 189 14.73 5.38 16.05
N ALA A 190 15.62 5.26 17.03
CA ALA A 190 15.54 6.03 18.27
C ALA A 190 16.95 6.28 18.87
N GLY A 191 17.03 7.28 19.73
CA GLY A 191 18.27 7.59 20.47
C GLY A 191 18.52 6.66 21.63
N VAL A 192 17.46 6.01 22.10
CA VAL A 192 17.53 5.10 23.23
C VAL A 192 17.85 3.68 22.78
N VAL A 193 18.48 2.93 23.69
CA VAL A 193 18.84 1.54 23.47
C VAL A 193 17.69 0.66 23.93
N LEU A 194 17.16 -0.13 23.02
CA LEU A 194 16.05 -1.02 23.25
C LEU A 194 16.40 -2.36 22.66
N PRO A 195 15.71 -3.43 23.05
CA PRO A 195 15.86 -4.70 22.32
C PRO A 195 15.27 -4.57 20.90
N LYS A 196 16.03 -4.82 19.83
CA LYS A 196 17.50 -4.94 19.79
C LYS A 196 17.97 -4.21 18.52
N PRO A 197 19.00 -3.35 18.63
CA PRO A 197 19.43 -2.63 17.43
C PRO A 197 19.93 -3.56 16.32
N VAL A 198 19.41 -3.35 15.10
CA VAL A 198 19.97 -3.99 13.89
C VAL A 198 21.22 -3.23 13.41
N GLY A 199 21.34 -1.96 13.78
CA GLY A 199 22.52 -1.18 13.47
C GLY A 199 22.59 0.03 14.37
N THR A 200 23.79 0.61 14.52
CA THR A 200 23.96 1.82 15.30
C THR A 200 24.73 2.85 14.49
N CYS A 201 24.21 4.08 14.42
CA CYS A 201 24.86 5.15 13.70
C CYS A 201 25.16 6.30 14.62
N ARG A 202 26.13 7.12 14.22
CA ARG A 202 26.54 8.29 14.98
C ARG A 202 26.26 9.55 14.16
N TYR A 203 25.78 10.59 14.82
CA TYR A 203 25.58 11.90 14.20
C TYR A 203 26.92 12.64 14.07
N TRP A 204 27.16 13.22 12.90
CA TRP A 204 28.32 14.10 12.62
C TRP A 204 27.83 15.46 12.11
N HIS A 205 28.62 16.50 12.34
CA HIS A 205 28.21 17.88 12.08
C HIS A 205 29.32 18.65 11.38
N ARG A 206 28.95 19.40 10.34
CA ARG A 206 29.88 20.25 9.61
C ARG A 206 29.46 21.69 9.83
N SER A 207 30.33 22.46 10.52
CA SER A 207 30.09 23.90 10.79
C SER A 207 30.01 24.66 9.50
N LEU A 208 28.96 25.46 9.36
CA LEU A 208 28.81 26.40 8.25
C LEU A 208 28.89 27.84 8.71
N ASN A 209 28.31 28.14 9.88
CA ASN A 209 28.34 29.46 10.50
C ASN A 209 28.97 29.28 11.90
N PRO A 210 30.29 29.05 11.96
CA PRO A 210 30.91 28.68 13.23
C PRO A 210 30.73 29.69 14.35
N ARG A 211 30.74 30.98 14.00
CA ARG A 211 30.50 32.05 14.97
C ARG A 211 29.24 31.80 15.80
N LYS A 212 28.11 31.66 15.11
CA LYS A 212 26.84 31.39 15.77
C LYS A 212 26.83 30.07 16.57
N LEU A 213 27.43 29.02 16.02
CA LEU A 213 27.42 27.71 16.66
C LEU A 213 28.24 27.71 17.96
N ILE A 214 29.36 28.43 17.96
CA ILE A 214 30.16 28.65 19.17
C ILE A 214 29.39 29.51 20.18
N GLU A 215 28.77 30.59 19.70
CA GLU A 215 27.96 31.48 20.55
C GLU A 215 26.85 30.77 21.32
N VAL A 216 26.13 29.85 20.66
CA VAL A 216 25.02 29.09 21.30
C VAL A 216 25.46 27.75 21.93
N LYS A 217 26.77 27.53 22.03
CA LYS A 217 27.36 26.34 22.65
C LYS A 217 26.95 25.03 21.97
N PHE A 218 26.77 25.06 20.64
CA PHE A 218 26.62 23.83 19.86
C PHE A 218 28.02 23.25 19.62
N SER A 219 28.98 24.12 19.32
CA SER A 219 30.41 23.74 19.24
C SER A 219 31.19 24.54 20.28
N HIS A 220 32.44 24.14 20.47
CA HIS A 220 33.39 24.85 21.35
C HIS A 220 34.54 25.44 20.51
N LEU A 221 35.10 26.56 20.98
CA LEU A 221 36.26 27.17 20.32
C LEU A 221 37.49 26.34 20.73
N SER A 222 38.30 25.91 19.76
CA SER A 222 39.48 25.04 20.03
C SER A 222 40.60 25.77 20.76
N ARG A 223 41.48 24.96 21.36
CA ARG A 223 42.50 25.40 22.30
C ARG A 223 43.31 26.63 21.93
N ASN A 224 43.90 26.61 20.74
CA ASN A 224 44.85 27.66 20.32
C ASN A 224 44.27 28.60 19.26
N MET A 225 42.95 28.52 19.03
CA MET A 225 42.33 29.20 17.90
C MET A 225 41.56 30.45 18.32
N THR A 226 41.44 31.40 17.39
CA THR A 226 40.57 32.55 17.56
C THR A 226 39.30 32.37 16.73
N MET A 227 38.32 33.23 16.97
CA MET A 227 37.08 33.22 16.20
C MET A 227 37.38 33.39 14.71
N GLN A 228 38.18 34.39 14.36
CA GLN A 228 38.55 34.66 12.95
C GLN A 228 39.27 33.49 12.28
N ARG A 229 40.11 32.78 13.03
CA ARG A 229 40.82 31.60 12.51
C ARG A 229 39.89 30.38 12.31
N THR A 230 38.91 30.21 13.18
CA THR A 230 37.91 29.15 13.05
C THR A 230 37.00 29.43 11.83
N MET A 231 36.64 30.70 11.63
CA MET A 231 35.90 31.10 10.43
C MET A 231 36.69 30.73 9.16
N LYS A 232 37.99 31.02 9.14
CA LYS A 232 38.84 30.68 7.99
C LYS A 232 38.96 29.18 7.77
N LEU A 233 39.09 28.40 8.85
CA LEU A 233 39.22 26.94 8.75
C LEU A 233 38.01 26.29 8.07
N TYR A 234 36.82 26.76 8.44
CA TYR A 234 35.56 26.24 7.92
C TYR A 234 35.00 27.03 6.74
N ARG A 235 35.76 28.00 6.22
CA ARG A 235 35.34 28.77 5.04
C ARG A 235 35.10 27.83 3.87
N LEU A 236 34.06 28.13 3.09
CA LEU A 236 33.73 27.30 1.93
C LEU A 236 33.77 28.16 0.68
N PRO A 237 33.94 27.53 -0.49
CA PRO A 237 33.77 28.28 -1.74
C PRO A 237 32.38 28.93 -1.84
N GLU A 238 32.29 30.04 -2.58
CA GLU A 238 31.02 30.78 -2.73
C GLU A 238 30.00 30.09 -3.67
N THR A 239 30.51 29.26 -4.60
CA THR A 239 29.70 28.46 -5.50
C THR A 239 30.23 27.02 -5.64
N PRO A 240 29.37 26.06 -6.03
CA PRO A 240 29.82 24.66 -6.14
C PRO A 240 30.78 24.43 -7.30
N LYS A 241 31.54 23.34 -7.24
CA LYS A 241 32.55 23.02 -8.27
C LYS A 241 32.09 22.05 -9.36
N THR A 242 31.14 21.15 -9.06
CA THR A 242 30.78 20.10 -10.00
C THR A 242 30.12 20.66 -11.24
N ALA A 243 30.60 20.14 -12.37
CA ALA A 243 30.09 20.46 -13.71
C ALA A 243 28.66 20.02 -13.90
N GLY A 244 27.77 20.99 -14.09
CA GLY A 244 26.39 20.68 -14.46
C GLY A 244 25.47 20.32 -13.31
N LEU A 245 25.78 20.83 -12.13
CA LEU A 245 24.89 20.76 -10.98
C LEU A 245 23.72 21.72 -11.24
N ARG A 246 22.51 21.28 -10.89
CA ARG A 246 21.33 22.10 -10.99
C ARG A 246 20.18 21.48 -10.18
N PRO A 247 19.17 22.30 -9.83
CA PRO A 247 18.01 21.77 -9.07
C PRO A 247 17.33 20.63 -9.79
N MET A 248 16.89 19.62 -9.05
CA MET A 248 16.06 18.55 -9.63
C MET A 248 14.76 19.14 -10.18
N GLU A 249 14.35 18.66 -11.35
CA GLU A 249 13.11 19.07 -12.01
C GLU A 249 12.27 17.83 -12.25
N THR A 250 11.03 18.06 -12.70
CA THR A 250 10.08 16.99 -12.94
C THR A 250 10.61 15.94 -13.92
N LYS A 251 11.25 16.40 -15.00
CA LYS A 251 11.88 15.52 -15.98
C LYS A 251 12.93 14.56 -15.42
N ASP A 252 13.50 14.89 -14.25
CA ASP A 252 14.53 14.06 -13.61
C ASP A 252 13.96 12.94 -12.71
N ILE A 253 12.65 12.89 -12.57
CA ILE A 253 12.05 11.93 -11.65
C ILE A 253 12.46 10.48 -11.99
N PRO A 254 12.31 10.07 -13.27
CA PRO A 254 12.68 8.71 -13.62
C PRO A 254 14.14 8.36 -13.40
N VAL A 255 15.06 9.21 -13.86
CA VAL A 255 16.49 8.92 -13.70
C VAL A 255 16.94 8.98 -12.24
N VAL A 256 16.42 9.93 -11.45
CA VAL A 256 16.66 9.95 -9.99
C VAL A 256 16.21 8.62 -9.39
N HIS A 257 15.03 8.15 -9.75
CA HIS A 257 14.54 6.84 -9.31
C HIS A 257 15.46 5.70 -9.70
N GLN A 258 15.90 5.71 -10.96
CA GLN A 258 16.84 4.70 -11.45
C GLN A 258 18.17 4.74 -10.69
N LEU A 259 18.74 5.92 -10.52
CA LEU A 259 20.03 6.08 -9.83
C LEU A 259 19.97 5.56 -8.38
N LEU A 260 18.93 5.98 -7.67
CA LEU A 260 18.74 5.58 -6.28
C LEU A 260 18.54 4.08 -6.14
N THR A 261 17.67 3.52 -6.97
CA THR A 261 17.35 2.08 -6.91
C THR A 261 18.65 1.28 -7.05
N ARG A 262 19.43 1.58 -8.09
CA ARG A 262 20.67 0.84 -8.35
C ARG A 262 21.74 1.08 -7.28
N TYR A 263 21.90 2.33 -6.85
CA TYR A 263 22.86 2.69 -5.81
C TYR A 263 22.58 2.00 -4.45
N LEU A 264 21.31 1.90 -4.09
CA LEU A 264 20.92 1.30 -2.81
C LEU A 264 21.13 -0.23 -2.71
N LYS A 265 21.35 -0.94 -3.81
CA LYS A 265 21.51 -2.41 -3.79
C LYS A 265 22.72 -2.90 -2.98
N GLN A 266 23.74 -2.06 -2.87
CA GLN A 266 24.95 -2.41 -2.14
C GLN A 266 24.77 -2.45 -0.62
N PHE A 267 23.70 -1.86 -0.08
CA PHE A 267 23.45 -1.85 1.36
C PHE A 267 22.48 -2.94 1.77
N HIS A 268 22.38 -3.19 3.08
CA HIS A 268 21.60 -4.29 3.64
C HIS A 268 20.25 -3.89 4.27
N LEU A 269 20.05 -2.61 4.57
CA LEU A 269 18.74 -2.09 5.02
C LEU A 269 18.43 -0.85 4.20
N THR A 270 17.47 -0.94 3.29
CA THR A 270 17.18 0.17 2.38
C THR A 270 15.68 0.24 2.13
N PRO A 271 15.20 1.42 1.72
CA PRO A 271 13.88 1.50 1.15
C PRO A 271 13.91 1.08 -0.31
N VAL A 272 12.74 0.65 -0.79
CA VAL A 272 12.53 0.28 -2.19
C VAL A 272 11.41 1.18 -2.62
N MET A 273 11.76 2.27 -3.30
CA MET A 273 10.82 3.32 -3.64
C MET A 273 10.22 3.14 -5.03
N SER A 274 8.90 3.37 -5.13
CA SER A 274 8.28 3.54 -6.42
C SER A 274 8.67 4.90 -7.00
N GLN A 275 8.41 5.09 -8.29
CA GLN A 275 8.65 6.39 -8.91
C GLN A 275 7.86 7.52 -8.26
N GLU A 276 6.65 7.24 -7.80
CA GLU A 276 5.82 8.25 -7.10
C GLU A 276 6.41 8.57 -5.73
N GLU A 277 6.93 7.57 -5.04
CA GLU A 277 7.67 7.81 -3.78
C GLU A 277 8.94 8.66 -4.02
N VAL A 278 9.68 8.37 -5.08
CA VAL A 278 10.87 9.19 -5.45
C VAL A 278 10.44 10.62 -5.70
N GLU A 279 9.34 10.81 -6.43
CA GLU A 279 8.81 12.17 -6.58
C GLU A 279 8.56 12.82 -5.23
N HIS A 280 7.84 12.12 -4.36
CA HIS A 280 7.48 12.69 -3.06
C HIS A 280 8.70 13.05 -2.21
N TRP A 281 9.66 12.13 -2.13
CA TRP A 281 10.77 12.30 -1.20
C TRP A 281 11.85 13.27 -1.71
N PHE A 282 11.95 13.49 -3.03
CA PHE A 282 13.08 14.25 -3.59
C PHE A 282 12.75 15.51 -4.34
N TYR A 283 11.54 15.62 -4.92
CA TYR A 283 11.20 16.78 -5.71
C TYR A 283 11.28 18.01 -4.79
N PRO A 284 12.07 19.04 -5.19
CA PRO A 284 12.31 20.17 -4.27
C PRO A 284 11.09 20.89 -3.78
N GLN A 285 11.04 21.15 -2.46
CA GLN A 285 10.06 22.05 -1.86
C GLN A 285 10.84 22.99 -0.96
N GLU A 286 10.80 24.29 -1.26
CA GLU A 286 11.55 25.30 -0.50
C GLU A 286 11.33 25.11 1.01
N ASN A 287 12.43 25.14 1.75
CA ASN A 287 12.45 24.99 3.22
C ASN A 287 12.02 23.62 3.76
N ILE A 288 12.05 22.60 2.93
CA ILE A 288 11.72 21.24 3.38
C ILE A 288 12.75 20.27 2.82
N ILE A 289 12.84 20.20 1.50
CA ILE A 289 13.70 19.23 0.85
C ILE A 289 14.35 19.87 -0.36
N ASP A 290 15.66 19.66 -0.47
CA ASP A 290 16.45 20.12 -1.59
C ASP A 290 17.12 18.95 -2.22
N THR A 291 17.03 18.87 -3.56
CA THR A 291 17.71 17.87 -4.35
C THR A 291 18.36 18.56 -5.55
N PHE A 292 19.65 18.32 -5.74
CA PHE A 292 20.38 18.81 -6.90
C PHE A 292 20.91 17.61 -7.66
N VAL A 293 20.84 17.69 -8.98
CA VAL A 293 21.32 16.61 -9.86
C VAL A 293 22.54 17.08 -10.64
N VAL A 294 23.36 16.15 -11.10
CA VAL A 294 24.48 16.45 -11.97
C VAL A 294 24.10 15.98 -13.35
N GLU A 295 23.88 16.94 -14.26
CA GLU A 295 23.60 16.65 -15.67
C GLU A 295 24.89 16.93 -16.46
N ASN A 296 25.49 15.88 -17.05
CA ASN A 296 26.82 16.00 -17.65
C ASN A 296 26.76 16.62 -19.07
N ALA A 297 27.93 16.69 -19.71
CA ALA A 297 28.09 17.27 -21.04
C ALA A 297 27.36 16.53 -22.15
N ASN A 298 27.01 15.27 -21.90
CA ASN A 298 26.11 14.47 -22.75
C ASN A 298 24.62 14.73 -22.58
N GLY A 299 24.24 15.45 -21.52
CA GLY A 299 22.84 15.61 -21.12
C GLY A 299 22.30 14.52 -20.20
N GLU A 300 23.19 13.67 -19.67
CA GLU A 300 22.78 12.53 -18.84
C GLU A 300 22.90 12.93 -17.37
N VAL A 301 21.91 12.56 -16.56
CA VAL A 301 21.96 12.81 -15.12
C VAL A 301 22.68 11.63 -14.51
N THR A 302 23.81 11.91 -13.86
CA THR A 302 24.72 10.85 -13.37
C THR A 302 24.83 10.75 -11.85
N ASP A 303 24.50 11.83 -11.15
CA ASP A 303 24.62 11.88 -9.72
C ASP A 303 23.53 12.79 -9.18
N PHE A 304 23.19 12.61 -7.91
CA PHE A 304 22.42 13.61 -7.18
C PHE A 304 22.77 13.64 -5.70
N LEU A 305 22.54 14.80 -5.12
CA LEU A 305 22.67 15.03 -3.70
C LEU A 305 21.35 15.55 -3.16
N SER A 306 21.06 15.27 -1.89
CA SER A 306 19.84 15.81 -1.26
C SER A 306 20.00 16.05 0.22
N PHE A 307 19.31 17.08 0.70
CA PHE A 307 19.25 17.39 2.15
C PHE A 307 17.91 18.01 2.54
N TYR A 308 17.47 17.71 3.76
CA TYR A 308 16.22 18.28 4.27
C TYR A 308 16.46 19.30 5.37
N THR A 309 15.46 20.16 5.54
CA THR A 309 15.51 21.34 6.42
C THR A 309 14.79 21.06 7.73
N LEU A 310 15.54 21.05 8.83
CA LEU A 310 14.98 20.84 10.16
C LEU A 310 15.64 21.77 11.17
N PRO A 311 15.02 22.93 11.47
CA PRO A 311 15.64 23.77 12.48
C PRO A 311 15.44 23.22 13.89
N SER A 312 16.27 23.68 14.82
CA SER A 312 16.05 23.43 16.23
C SER A 312 15.83 24.75 16.95
N THR A 313 14.82 24.80 17.82
CA THR A 313 14.64 25.96 18.69
C THR A 313 15.83 26.06 19.64
N ILE A 314 16.31 27.29 19.90
CA ILE A 314 17.39 27.53 20.85
C ILE A 314 16.73 28.14 22.08
N MET A 315 16.83 27.49 23.22
CA MET A 315 16.31 28.03 24.48
C MET A 315 17.45 28.78 25.21
N ASN A 316 17.10 29.89 25.86
CA ASN A 316 17.98 30.60 26.81
C ASN A 316 19.21 31.30 26.21
N HIS A 317 19.14 31.69 24.94
CA HIS A 317 20.21 32.49 24.33
C HIS A 317 19.75 33.95 24.08
N PRO A 318 20.52 34.94 24.54
CA PRO A 318 20.12 36.36 24.43
C PRO A 318 19.94 36.91 23.01
N THR A 319 20.73 36.39 22.07
CA THR A 319 20.78 36.85 20.68
C THR A 319 20.09 35.93 19.64
N HIS A 320 20.26 34.61 19.76
CA HIS A 320 19.89 33.66 18.69
C HIS A 320 18.74 32.75 19.16
N LYS A 321 17.71 32.61 18.33
CA LYS A 321 16.47 31.90 18.69
C LYS A 321 16.23 30.56 17.95
N SER A 322 16.79 30.42 16.76
CA SER A 322 16.63 29.23 15.92
C SER A 322 17.96 28.80 15.32
N LEU A 323 18.26 27.51 15.43
CA LEU A 323 19.42 26.94 14.80
C LEU A 323 18.98 26.29 13.49
N LYS A 324 19.48 26.81 12.36
CA LYS A 324 19.09 26.32 11.05
C LYS A 324 20.02 25.19 10.62
N ALA A 325 19.47 23.99 10.48
CA ALA A 325 20.25 22.79 10.17
C ALA A 325 19.73 22.12 8.90
N ALA A 326 20.68 21.75 8.02
CA ALA A 326 20.43 20.87 6.88
C ALA A 326 20.86 19.46 7.22
N TYR A 327 20.06 18.46 6.83
CA TYR A 327 20.35 17.03 7.09
C TYR A 327 20.59 16.28 5.80
N SER A 328 21.75 15.63 5.68
CA SER A 328 22.06 14.75 4.58
C SER A 328 20.94 13.72 4.43
N PHE A 329 20.43 13.55 3.22
CA PHE A 329 19.33 12.62 2.97
C PHE A 329 19.85 11.44 2.16
N TYR A 330 19.62 11.39 0.84
CA TYR A 330 20.24 10.36 0.01
C TYR A 330 21.14 11.00 -1.06
N ASN A 331 22.36 10.50 -1.16
CA ASN A 331 23.36 11.01 -2.08
C ASN A 331 23.87 9.86 -2.94
N VAL A 332 23.72 9.99 -4.25
CA VAL A 332 24.02 8.90 -5.18
C VAL A 332 25.13 9.40 -6.11
N HIS A 333 26.22 8.64 -6.18
CA HIS A 333 27.32 8.91 -7.11
C HIS A 333 27.55 7.75 -8.10
N THR A 334 27.66 8.07 -9.38
CA THR A 334 28.18 7.13 -10.38
C THR A 334 29.38 7.66 -11.18
N GLN A 335 29.44 8.97 -11.42
CA GLN A 335 30.55 9.59 -12.18
C GLN A 335 31.28 10.71 -11.45
N THR A 336 30.55 11.53 -10.69
CA THR A 336 31.15 12.52 -9.80
C THR A 336 31.62 11.84 -8.52
N PRO A 337 32.86 12.13 -8.07
CA PRO A 337 33.31 11.56 -6.80
C PRO A 337 32.46 12.00 -5.63
N LEU A 338 32.19 11.09 -4.71
CA LEU A 338 31.31 11.38 -3.58
C LEU A 338 31.81 12.59 -2.76
N LEU A 339 33.12 12.67 -2.61
CA LEU A 339 33.78 13.78 -1.94
C LEU A 339 33.41 15.13 -2.57
N ASP A 340 33.45 15.22 -3.88
CA ASP A 340 33.07 16.44 -4.60
C ASP A 340 31.56 16.75 -4.42
N LEU A 341 30.72 15.72 -4.51
CA LEU A 341 29.25 15.87 -4.34
C LEU A 341 28.90 16.48 -3.00
N MET A 342 29.47 15.92 -1.94
CA MET A 342 29.22 16.39 -0.59
C MET A 342 29.82 17.76 -0.34
N SER A 343 30.95 18.05 -0.98
CA SER A 343 31.55 19.39 -0.92
C SER A 343 30.56 20.42 -1.51
N ASP A 344 29.99 20.08 -2.65
CA ASP A 344 28.92 20.91 -3.24
C ASP A 344 27.65 21.02 -2.38
N ALA A 345 27.29 19.94 -1.69
CA ALA A 345 26.16 19.98 -0.75
C ALA A 345 26.43 21.00 0.37
N LEU A 346 27.62 20.95 0.97
CA LEU A 346 28.01 21.93 2.00
C LEU A 346 27.91 23.35 1.47
N VAL A 347 28.39 23.58 0.25
CA VAL A 347 28.38 24.93 -0.36
C VAL A 347 26.95 25.42 -0.56
N LEU A 348 26.09 24.55 -1.12
CA LEU A 348 24.66 24.88 -1.32
C LEU A 348 23.91 25.18 -0.02
N ALA A 349 24.19 24.41 1.03
CA ALA A 349 23.61 24.63 2.37
C ALA A 349 24.03 25.99 2.94
N LYS A 350 25.33 26.27 2.87
CA LYS A 350 25.91 27.57 3.23
C LYS A 350 25.20 28.72 2.48
N MET A 351 25.14 28.61 1.17
CA MET A 351 24.47 29.59 0.31
C MET A 351 23.03 29.85 0.74
N LYS A 352 22.30 28.80 1.13
CA LYS A 352 20.91 28.94 1.54
C LYS A 352 20.72 29.42 2.98
N GLY A 353 21.81 29.58 3.73
CA GLY A 353 21.76 30.22 5.06
C GLY A 353 21.74 29.26 6.24
N PHE A 354 22.04 27.98 6.00
CA PHE A 354 22.14 27.01 7.09
C PHE A 354 23.35 27.31 7.98
N ASP A 355 23.19 27.05 9.27
CA ASP A 355 24.25 27.21 10.25
C ASP A 355 25.15 25.98 10.35
N VAL A 356 24.57 24.81 10.10
CA VAL A 356 25.27 23.54 10.24
C VAL A 356 24.70 22.50 9.25
N PHE A 357 25.54 21.57 8.83
CA PHE A 357 25.15 20.45 7.96
C PHE A 357 25.34 19.14 8.75
N ASN A 358 24.26 18.41 9.00
CA ASN A 358 24.31 17.17 9.78
C ASN A 358 24.28 15.97 8.87
N ALA A 359 25.02 14.92 9.23
CA ALA A 359 24.97 13.65 8.57
C ALA A 359 25.28 12.51 9.52
N LEU A 360 24.69 11.35 9.25
CA LEU A 360 25.00 10.14 9.98
C LEU A 360 26.19 9.44 9.31
N ASP A 361 26.78 8.47 10.02
CA ASP A 361 27.89 7.67 9.46
C ASP A 361 27.46 6.42 8.66
N LEU A 362 26.24 6.44 8.12
CA LEU A 362 25.69 5.30 7.39
C LEU A 362 26.08 5.36 5.90
N MET A 363 25.69 4.35 5.12
CA MET A 363 26.05 4.25 3.70
C MET A 363 27.58 4.45 3.52
N GLU A 364 28.04 5.28 2.59
CA GLU A 364 29.48 5.51 2.42
C GLU A 364 29.95 6.81 3.09
N ASN A 365 29.17 7.34 4.03
CA ASN A 365 29.46 8.65 4.59
C ASN A 365 30.81 8.75 5.30
N LYS A 366 31.29 7.66 5.91
CA LYS A 366 32.64 7.67 6.55
C LYS A 366 33.78 7.99 5.62
N THR A 367 33.61 7.77 4.30
CA THR A 367 34.65 8.11 3.33
C THR A 367 34.88 9.61 3.14
N PHE A 368 33.93 10.45 3.56
CA PHE A 368 34.08 11.91 3.42
C PHE A 368 33.98 12.71 4.72
N LEU A 369 33.47 12.13 5.81
CA LEU A 369 33.15 12.95 6.98
C LEU A 369 34.40 13.69 7.49
N GLU A 370 35.46 12.97 7.83
CA GLU A 370 36.68 13.62 8.33
C GLU A 370 37.32 14.56 7.32
N LYS A 371 37.43 14.11 6.07
CA LYS A 371 38.05 14.91 5.01
C LYS A 371 37.38 16.29 4.79
N LEU A 372 36.05 16.35 4.96
CA LEU A 372 35.29 17.59 4.78
C LEU A 372 35.05 18.36 6.10
N LYS A 373 35.78 18.01 7.16
CA LYS A 373 35.80 18.76 8.42
C LYS A 373 34.48 18.71 9.20
N PHE A 374 33.80 17.58 9.10
CA PHE A 374 32.73 17.25 10.03
C PHE A 374 33.38 16.90 11.38
N GLY A 375 32.75 17.34 12.47
CA GLY A 375 33.10 16.90 13.81
C GLY A 375 32.07 15.90 14.32
N ILE A 376 32.53 14.90 15.07
CA ILE A 376 31.66 13.87 15.63
C ILE A 376 30.81 14.50 16.75
N GLY A 377 29.57 14.04 16.89
CA GLY A 377 28.65 14.55 17.92
C GLY A 377 28.45 13.56 19.05
N ASP A 378 27.47 13.84 19.91
CA ASP A 378 27.18 13.05 21.11
C ASP A 378 26.20 11.90 20.88
N GLY A 379 25.23 12.12 19.98
CA GLY A 379 24.09 11.21 19.87
C GLY A 379 24.28 9.99 18.99
N ASN A 380 24.04 8.80 19.55
CA ASN A 380 23.82 7.59 18.75
C ASN A 380 22.39 7.54 18.25
N LEU A 381 22.20 7.02 17.05
CA LEU A 381 20.87 6.72 16.53
C LEU A 381 20.85 5.23 16.28
N GLN A 382 19.94 4.55 16.98
CA GLN A 382 19.77 3.12 16.86
C GLN A 382 18.70 2.81 15.79
N TYR A 383 18.97 1.83 14.92
CA TYR A 383 17.99 1.33 13.94
C TYR A 383 17.42 0.04 14.47
N TYR A 384 16.11 -0.14 14.26
CA TYR A 384 15.39 -1.31 14.77
C TYR A 384 14.42 -1.86 13.76
N LEU A 385 14.20 -3.18 13.82
CA LEU A 385 13.08 -3.84 13.13
C LEU A 385 12.14 -4.46 14.15
N TYR A 386 10.83 -4.40 13.87
CA TYR A 386 9.82 -5.02 14.70
C TYR A 386 9.40 -6.30 14.03
N ASN A 387 9.42 -7.40 14.77
CA ASN A 387 9.02 -8.72 14.28
C ASN A 387 9.87 -9.19 13.09
N TRP A 388 11.16 -8.90 13.14
CA TRP A 388 12.09 -9.43 12.14
C TRP A 388 13.43 -9.65 12.81
N LYS A 389 13.80 -10.91 12.85
CA LYS A 389 15.01 -11.38 13.46
C LYS A 389 16.04 -11.52 12.34
N CYS A 390 17.11 -10.73 12.41
CA CYS A 390 18.22 -10.84 11.47
C CYS A 390 19.52 -10.39 12.15
N PRO A 391 20.69 -10.76 11.61
CA PRO A 391 21.93 -10.29 12.20
C PRO A 391 22.08 -8.77 12.13
N SER A 392 22.74 -8.21 13.12
CA SER A 392 23.05 -6.79 13.11
C SER A 392 24.05 -6.48 11.98
N MET A 393 24.19 -5.20 11.64
CA MET A 393 25.11 -4.76 10.58
C MET A 393 25.85 -3.51 11.03
N GLY A 394 26.99 -3.26 10.38
CA GLY A 394 27.71 -2.00 10.60
C GLY A 394 26.96 -0.83 10.01
N ALA A 395 27.28 0.37 10.48
CA ALA A 395 26.65 1.61 10.01
C ALA A 395 26.70 1.75 8.48
N GLU A 396 27.86 1.43 7.91
CA GLU A 396 28.09 1.52 6.47
C GLU A 396 27.20 0.61 5.59
N LYS A 397 26.50 -0.35 6.21
CA LYS A 397 25.52 -1.19 5.51
C LYS A 397 24.09 -0.71 5.65
N VAL A 398 23.87 0.32 6.45
CA VAL A 398 22.57 0.92 6.66
C VAL A 398 22.38 1.92 5.52
N GLY A 399 21.27 1.76 4.76
CA GLY A 399 20.94 2.65 3.64
C GLY A 399 19.54 3.20 3.76
N LEU A 400 19.19 3.67 4.95
CA LEU A 400 17.87 4.14 5.24
C LEU A 400 17.97 5.39 6.14
N VAL A 401 17.31 6.46 5.72
CA VAL A 401 17.30 7.73 6.46
C VAL A 401 15.84 8.13 6.74
N LEU A 402 15.51 8.20 8.03
CA LEU A 402 14.21 8.70 8.51
C LEU A 402 14.39 10.07 9.13
N GLN A 403 13.45 10.98 8.83
CA GLN A 403 13.54 12.41 9.20
C GLN A 403 13.28 12.74 10.68
N ARG B 22 -6.23 -16.14 -33.04
CA ARG B 22 -5.56 -15.02 -33.78
C ARG B 22 -4.02 -15.07 -33.78
N SER B 23 -3.42 -14.10 -34.46
CA SER B 23 -2.01 -13.76 -34.27
C SER B 23 -2.08 -12.50 -33.44
N TYR B 24 -1.46 -12.55 -32.28
CA TYR B 24 -1.68 -11.59 -31.21
C TYR B 24 -0.80 -10.35 -31.32
N GLN B 25 -1.17 -9.43 -32.22
CA GLN B 25 -0.42 -8.18 -32.48
C GLN B 25 -0.06 -7.39 -31.20
N PHE B 26 -1.03 -7.21 -30.30
CA PHE B 26 -0.75 -6.54 -29.01
C PHE B 26 -0.07 -7.47 -28.01
N TRP B 27 -0.73 -8.59 -27.71
CA TRP B 27 -0.29 -9.44 -26.61
C TRP B 27 1.09 -10.06 -26.78
N ASP B 28 1.53 -10.35 -28.01
CA ASP B 28 2.90 -10.84 -28.31
C ASP B 28 4.01 -9.86 -27.93
N THR B 29 3.69 -8.57 -27.81
CA THR B 29 4.63 -7.54 -27.30
C THR B 29 4.71 -7.49 -25.76
N GLN B 30 3.81 -8.17 -25.06
CA GLN B 30 3.67 -8.03 -23.60
C GLN B 30 4.43 -9.09 -22.83
N PRO B 31 4.82 -8.76 -21.58
CA PRO B 31 5.53 -9.72 -20.73
C PRO B 31 4.59 -10.82 -20.15
N VAL B 32 4.20 -11.73 -21.04
CA VAL B 32 3.37 -12.90 -20.71
C VAL B 32 3.89 -14.10 -21.50
N PRO B 33 3.69 -15.34 -20.99
CA PRO B 33 4.10 -16.49 -21.79
C PRO B 33 3.29 -16.63 -23.09
N LYS B 34 3.90 -17.26 -24.10
CA LYS B 34 3.21 -17.57 -25.34
C LYS B 34 2.16 -18.65 -25.08
N LEU B 35 1.03 -18.57 -25.77
CA LEU B 35 0.06 -19.70 -25.81
C LEU B 35 0.77 -20.97 -26.26
N GLY B 36 0.60 -22.06 -25.51
CA GLY B 36 1.23 -23.34 -25.87
C GLY B 36 2.68 -23.52 -25.45
N GLU B 37 3.29 -22.48 -24.88
CA GLU B 37 4.57 -22.60 -24.20
C GLU B 37 4.31 -23.36 -22.90
N VAL B 38 4.97 -24.49 -22.68
CA VAL B 38 4.89 -25.16 -21.37
C VAL B 38 5.83 -24.42 -20.41
N VAL B 39 5.32 -24.05 -19.23
CA VAL B 39 6.10 -23.29 -18.26
C VAL B 39 6.49 -24.21 -17.12
N ASN B 40 7.78 -24.29 -16.84
CA ASN B 40 8.33 -25.02 -15.67
C ASN B 40 8.94 -24.10 -14.60
N THR B 41 9.17 -22.83 -14.94
CA THR B 41 9.76 -21.86 -14.01
C THR B 41 8.67 -21.14 -13.21
N HIS B 42 9.11 -20.37 -12.21
CA HIS B 42 8.25 -19.49 -11.39
C HIS B 42 8.94 -18.15 -11.25
N GLY B 43 8.41 -17.10 -11.85
CA GLY B 43 8.97 -15.77 -11.66
C GLY B 43 8.57 -14.73 -12.68
N PRO B 44 9.07 -13.49 -12.52
CA PRO B 44 8.75 -12.47 -13.49
C PRO B 44 9.31 -12.75 -14.89
N VAL B 45 8.61 -12.26 -15.90
CA VAL B 45 9.02 -12.38 -17.30
C VAL B 45 10.08 -11.33 -17.63
N GLU B 46 9.92 -10.12 -17.09
CA GLU B 46 10.86 -9.01 -17.30
C GLU B 46 11.17 -8.32 -15.96
N PRO B 47 12.30 -7.57 -15.91
CA PRO B 47 12.68 -6.95 -14.64
C PRO B 47 11.76 -5.83 -14.16
N ASP B 48 11.72 -5.62 -12.85
CA ASP B 48 11.06 -4.43 -12.28
C ASP B 48 11.76 -3.21 -12.87
N LYS B 49 10.98 -2.30 -13.42
CA LYS B 49 11.50 -1.13 -14.10
C LYS B 49 11.93 -0.08 -13.08
N ASP B 50 13.15 0.45 -13.25
CA ASP B 50 13.58 1.59 -12.42
C ASP B 50 13.48 2.93 -13.15
N ASN B 51 12.87 2.91 -14.33
CA ASN B 51 12.59 4.11 -15.10
C ASN B 51 11.21 3.91 -15.78
N ILE B 52 10.23 4.76 -15.47
CA ILE B 52 8.88 4.60 -15.97
C ILE B 52 8.50 5.83 -16.76
N ARG B 53 7.94 5.58 -17.96
CA ARG B 53 7.38 6.61 -18.83
C ARG B 53 6.52 7.58 -18.01
N GLN B 54 6.85 8.87 -18.02
CA GLN B 54 6.05 9.88 -17.31
C GLN B 54 4.83 10.38 -18.06
N GLU B 55 4.81 10.23 -19.38
CA GLU B 55 3.78 10.82 -20.24
C GLU B 55 2.67 9.77 -20.46
N PRO B 56 1.39 10.18 -20.36
CA PRO B 56 0.34 9.24 -20.77
C PRO B 56 0.54 8.78 -22.23
N TYR B 57 0.05 7.59 -22.54
CA TYR B 57 0.00 7.13 -23.93
C TYR B 57 -1.00 7.99 -24.71
N THR B 58 -0.70 8.20 -25.98
CA THR B 58 -1.47 9.10 -26.84
C THR B 58 -2.75 8.42 -27.29
N LEU B 59 -3.87 9.08 -27.09
CA LEU B 59 -5.14 8.63 -27.62
C LEU B 59 -5.30 9.19 -29.03
N PRO B 60 -6.16 8.60 -29.86
CA PRO B 60 -6.52 9.25 -31.14
C PRO B 60 -7.06 10.68 -30.95
N GLN B 61 -6.93 11.50 -32.00
CA GLN B 61 -7.34 12.90 -31.97
C GLN B 61 -8.80 13.01 -31.50
N GLY B 62 -9.08 13.97 -30.63
CA GLY B 62 -10.45 14.19 -30.13
C GLY B 62 -10.87 13.41 -28.87
N PHE B 63 -9.93 12.66 -28.27
CA PHE B 63 -10.17 11.94 -27.02
C PHE B 63 -9.13 12.31 -25.97
N THR B 64 -9.51 12.28 -24.70
CA THR B 64 -8.57 12.65 -23.63
C THR B 64 -8.74 11.73 -22.43
N TRP B 65 -7.65 11.59 -21.66
CA TRP B 65 -7.71 10.80 -20.43
C TRP B 65 -8.47 11.60 -19.37
N ASP B 66 -9.11 10.88 -18.47
CA ASP B 66 -9.74 11.52 -17.32
C ASP B 66 -9.88 10.52 -16.18
N ALA B 67 -9.23 10.82 -15.05
CA ALA B 67 -9.31 9.99 -13.85
C ALA B 67 -10.64 10.28 -13.14
N LEU B 68 -11.49 9.26 -13.01
CA LEU B 68 -12.87 9.44 -12.55
C LEU B 68 -12.96 9.44 -11.02
N ASP B 69 -13.40 10.55 -10.43
CA ASP B 69 -13.70 10.63 -9.01
C ASP B 69 -15.07 10.03 -8.78
N LEU B 70 -15.11 8.77 -8.36
CA LEU B 70 -16.38 8.07 -8.12
C LEU B 70 -17.13 8.56 -6.88
N GLY B 71 -16.48 9.39 -6.05
CA GLY B 71 -17.13 10.12 -4.96
C GLY B 71 -18.00 11.30 -5.42
N ASP B 72 -17.83 11.70 -6.68
CA ASP B 72 -18.77 12.61 -7.36
C ASP B 72 -19.87 11.71 -7.95
N ARG B 73 -21.11 11.92 -7.47
CA ARG B 73 -22.28 11.12 -7.86
C ARG B 73 -22.58 11.18 -9.37
N GLY B 74 -22.48 12.37 -9.96
CA GLY B 74 -22.62 12.55 -11.41
C GLY B 74 -21.63 11.76 -12.27
N VAL B 75 -20.37 11.74 -11.84
CA VAL B 75 -19.33 11.00 -12.55
C VAL B 75 -19.56 9.49 -12.41
N LEU B 76 -19.89 9.05 -11.20
CA LEU B 76 -20.25 7.65 -10.95
C LEU B 76 -21.40 7.20 -11.86
N LYS B 77 -22.42 8.06 -11.98
CA LYS B 77 -23.53 7.80 -12.90
C LYS B 77 -23.05 7.67 -14.36
N GLU B 78 -22.11 8.53 -14.77
CA GLU B 78 -21.53 8.44 -16.12
C GLU B 78 -20.88 7.08 -16.37
N LEU B 79 -20.11 6.60 -15.40
CA LEU B 79 -19.47 5.27 -15.51
C LEU B 79 -20.52 4.17 -15.53
N TYR B 80 -21.49 4.27 -14.64
CA TYR B 80 -22.64 3.34 -14.63
C TYR B 80 -23.28 3.21 -16.03
N THR B 81 -23.52 4.35 -16.67
CA THR B 81 -24.17 4.41 -17.98
C THR B 81 -23.27 3.78 -19.06
N LEU B 82 -21.99 4.11 -19.08
CA LEU B 82 -21.05 3.49 -20.04
C LEU B 82 -21.07 1.97 -19.96
N LEU B 83 -20.99 1.45 -18.74
CA LEU B 83 -20.95 0.01 -18.53
C LEU B 83 -22.32 -0.63 -18.80
N ASN B 84 -23.39 -0.01 -18.28
CA ASN B 84 -24.76 -0.49 -18.52
C ASN B 84 -25.04 -0.62 -20.03
N GLU B 85 -24.48 0.31 -20.84
CA GLU B 85 -24.73 0.30 -22.29
C GLU B 85 -23.67 -0.45 -23.12
N ASN B 86 -22.46 -0.66 -22.58
CA ASN B 86 -21.34 -1.20 -23.40
C ASN B 86 -20.47 -2.32 -22.81
N TYR B 87 -20.77 -2.83 -21.62
CA TYR B 87 -19.91 -3.83 -21.00
C TYR B 87 -20.28 -5.25 -21.52
N VAL B 88 -19.87 -6.28 -20.79
CA VAL B 88 -19.89 -7.64 -21.26
C VAL B 88 -21.30 -8.09 -21.65
N GLU B 89 -21.42 -8.63 -22.87
CA GLU B 89 -22.61 -9.30 -23.35
C GLU B 89 -22.34 -10.78 -23.60
N ASP B 90 -23.40 -11.59 -23.58
CA ASP B 90 -23.31 -12.99 -24.00
C ASP B 90 -23.13 -13.04 -25.53
N ASP B 91 -22.78 -14.20 -26.05
CA ASP B 91 -22.51 -14.33 -27.49
C ASP B 91 -23.71 -14.12 -28.44
N ASP B 92 -24.94 -14.31 -27.95
CA ASP B 92 -26.14 -14.04 -28.75
C ASP B 92 -26.75 -12.64 -28.53
N ASN B 93 -26.06 -11.77 -27.79
CA ASN B 93 -26.48 -10.36 -27.58
C ASN B 93 -27.87 -10.21 -26.96
N MET B 94 -28.15 -11.04 -25.96
CA MET B 94 -29.44 -11.03 -25.22
C MET B 94 -29.31 -10.45 -23.81
N PHE B 95 -28.14 -10.63 -23.20
CA PHE B 95 -27.88 -10.22 -21.81
C PHE B 95 -26.63 -9.35 -21.74
N ARG B 96 -26.66 -8.35 -20.88
CA ARG B 96 -25.53 -7.45 -20.65
C ARG B 96 -25.45 -7.11 -19.18
N PHE B 97 -24.26 -7.12 -18.57
CA PHE B 97 -24.17 -6.83 -17.13
C PHE B 97 -24.65 -5.44 -16.84
N ASP B 98 -25.25 -5.27 -15.66
CA ASP B 98 -25.80 -4.03 -15.20
C ASP B 98 -25.33 -3.80 -13.75
N TYR B 99 -24.03 -3.57 -13.62
CA TYR B 99 -23.41 -3.29 -12.32
C TYR B 99 -23.99 -1.99 -11.76
N SER B 100 -24.52 -2.03 -10.53
CA SER B 100 -25.14 -0.83 -9.95
C SER B 100 -24.05 0.18 -9.55
N PRO B 101 -24.41 1.48 -9.41
CA PRO B 101 -23.43 2.47 -8.96
C PRO B 101 -22.82 2.15 -7.60
N GLU B 102 -23.64 1.66 -6.67
CA GLU B 102 -23.14 1.30 -5.32
C GLU B 102 -22.25 0.07 -5.37
N PHE B 103 -22.60 -0.92 -6.22
CA PHE B 103 -21.71 -2.05 -6.50
C PHE B 103 -20.35 -1.56 -7.03
N LEU B 104 -20.38 -0.69 -8.03
CA LEU B 104 -19.16 -0.14 -8.59
C LEU B 104 -18.27 0.53 -7.51
N LEU B 105 -18.89 1.25 -6.57
CA LEU B 105 -18.14 1.81 -5.44
C LEU B 105 -17.48 0.72 -4.58
N TRP B 106 -18.23 -0.33 -4.28
CA TRP B 106 -17.71 -1.50 -3.57
C TRP B 106 -16.56 -2.16 -4.28
N ALA B 107 -16.72 -2.40 -5.59
CA ALA B 107 -15.69 -3.08 -6.38
C ALA B 107 -14.45 -2.23 -6.65
N LEU B 108 -14.60 -0.91 -6.75
CA LEU B 108 -13.51 -0.01 -7.21
C LEU B 108 -12.85 0.82 -6.12
N ARG B 109 -13.46 0.88 -4.94
CA ARG B 109 -12.85 1.54 -3.82
C ARG B 109 -12.61 0.64 -2.59
N PRO B 110 -11.90 -0.51 -2.78
CA PRO B 110 -11.45 -1.27 -1.61
C PRO B 110 -10.28 -0.58 -0.95
N PRO B 111 -9.83 -1.09 0.22
CA PRO B 111 -8.62 -0.53 0.82
C PRO B 111 -7.46 -0.40 -0.17
N GLY B 112 -6.85 0.79 -0.19
CA GLY B 112 -5.69 1.11 -1.00
C GLY B 112 -6.02 1.59 -2.41
N TRP B 113 -7.31 1.78 -2.72
CA TRP B 113 -7.73 2.26 -4.05
C TRP B 113 -7.09 3.63 -4.33
N LEU B 114 -6.78 3.90 -5.60
CA LEU B 114 -6.22 5.18 -6.05
C LEU B 114 -7.06 5.80 -7.16
N PRO B 115 -7.29 7.13 -7.10
CA PRO B 115 -8.10 7.76 -8.12
C PRO B 115 -7.52 7.63 -9.53
N GLN B 116 -6.19 7.65 -9.66
CA GLN B 116 -5.54 7.52 -10.97
C GLN B 116 -5.75 6.14 -11.63
N TRP B 117 -6.13 5.16 -10.83
CA TRP B 117 -6.41 3.82 -11.31
C TRP B 117 -7.89 3.64 -11.71
N HIS B 118 -8.69 4.72 -11.68
CA HIS B 118 -10.04 4.73 -12.26
C HIS B 118 -9.91 5.53 -13.56
N CYS B 119 -9.42 4.82 -14.59
CA CYS B 119 -8.84 5.47 -15.77
C CYS B 119 -9.91 5.58 -16.86
N GLY B 120 -10.36 6.80 -17.11
CA GLY B 120 -11.38 7.05 -18.11
C GLY B 120 -10.86 7.68 -19.38
N VAL B 121 -11.66 7.56 -20.44
CA VAL B 121 -11.44 8.20 -21.73
C VAL B 121 -12.70 8.95 -22.09
N ARG B 122 -12.56 10.24 -22.39
CA ARG B 122 -13.68 11.10 -22.77
C ARG B 122 -13.43 11.78 -24.13
N VAL B 123 -14.53 12.10 -24.80
CA VAL B 123 -14.51 12.91 -26.02
C VAL B 123 -14.15 14.34 -25.60
N VAL B 124 -13.18 14.96 -26.27
CA VAL B 124 -12.71 16.31 -25.91
C VAL B 124 -13.83 17.35 -26.01
N SER B 125 -14.58 17.33 -27.11
CA SER B 125 -15.58 18.35 -27.40
C SER B 125 -16.82 18.27 -26.48
N SER B 126 -17.41 17.09 -26.35
CA SER B 126 -18.61 16.88 -25.54
C SER B 126 -18.35 16.42 -24.10
N ARG B 127 -17.12 16.02 -23.78
CA ARG B 127 -16.79 15.38 -22.50
C ARG B 127 -17.48 14.03 -22.24
N LYS B 128 -18.09 13.41 -23.27
CA LYS B 128 -18.76 12.11 -23.12
C LYS B 128 -17.78 10.97 -22.77
N LEU B 129 -18.14 10.18 -21.76
CA LEU B 129 -17.32 9.03 -21.34
C LEU B 129 -17.48 7.86 -22.30
N VAL B 130 -16.40 7.47 -22.96
CA VAL B 130 -16.40 6.40 -23.97
C VAL B 130 -15.40 5.27 -23.71
N GLY B 131 -14.63 5.35 -22.63
CA GLY B 131 -13.66 4.30 -22.33
C GLY B 131 -13.38 4.23 -20.84
N PHE B 132 -13.10 3.02 -20.34
CA PHE B 132 -12.71 2.84 -18.94
C PHE B 132 -11.82 1.63 -18.76
N ILE B 133 -10.90 1.73 -17.81
CA ILE B 133 -10.23 0.54 -17.26
C ILE B 133 -9.87 0.87 -15.80
N SER B 134 -9.86 -0.16 -14.95
CA SER B 134 -9.55 0.02 -13.53
C SER B 134 -8.50 -0.93 -13.02
N ALA B 135 -7.74 -0.45 -12.04
CA ALA B 135 -6.87 -1.29 -11.22
C ALA B 135 -7.24 -1.10 -9.75
N ILE B 136 -7.31 -2.20 -9.01
CA ILE B 136 -7.34 -2.14 -7.55
C ILE B 136 -6.16 -2.96 -7.00
N PRO B 137 -5.55 -2.52 -5.87
CA PRO B 137 -4.46 -3.31 -5.30
C PRO B 137 -4.94 -4.57 -4.59
N ALA B 138 -4.16 -5.63 -4.66
CA ALA B 138 -4.41 -6.84 -3.89
C ALA B 138 -3.11 -7.61 -3.66
N ASN B 139 -2.97 -8.18 -2.48
CA ASN B 139 -1.90 -9.14 -2.25
C ASN B 139 -2.38 -10.49 -2.79
N ILE B 140 -1.54 -11.12 -3.61
CA ILE B 140 -1.87 -12.35 -4.29
C ILE B 140 -0.87 -13.43 -3.95
N HIS B 141 -1.36 -14.60 -3.55
CA HIS B 141 -0.55 -15.78 -3.33
C HIS B 141 -0.62 -16.64 -4.58
N ILE B 142 0.55 -16.86 -5.20
CA ILE B 142 0.66 -17.69 -6.39
C ILE B 142 1.73 -18.75 -6.12
N TYR B 143 1.29 -20.00 -5.96
CA TYR B 143 2.14 -21.12 -5.51
C TYR B 143 2.92 -20.76 -4.22
N ASP B 144 4.25 -20.71 -4.26
CA ASP B 144 5.08 -20.42 -3.07
C ASP B 144 5.46 -18.94 -2.94
N THR B 145 4.85 -18.07 -3.74
CA THR B 145 5.15 -16.64 -3.71
C THR B 145 3.90 -15.82 -3.34
N GLU B 146 4.12 -14.77 -2.55
CA GLU B 146 3.10 -13.78 -2.26
C GLU B 146 3.64 -12.45 -2.83
N LYS B 147 2.92 -11.86 -3.79
CA LYS B 147 3.28 -10.58 -4.40
C LYS B 147 2.14 -9.57 -4.23
N LYS B 148 2.52 -8.30 -4.04
CA LYS B 148 1.60 -7.20 -4.21
C LYS B 148 1.36 -7.04 -5.70
N MET B 149 0.08 -7.10 -6.11
CA MET B 149 -0.33 -6.98 -7.51
C MET B 149 -1.46 -5.99 -7.60
N VAL B 150 -1.96 -5.80 -8.82
CA VAL B 150 -3.27 -5.17 -9.01
C VAL B 150 -4.21 -6.15 -9.67
N GLU B 151 -5.50 -5.94 -9.45
CA GLU B 151 -6.54 -6.65 -10.19
C GLU B 151 -7.08 -5.67 -11.22
N ILE B 152 -7.09 -6.07 -12.49
CA ILE B 152 -7.62 -5.22 -13.56
C ILE B 152 -9.05 -5.66 -13.91
N ASN B 153 -9.96 -4.70 -13.96
CA ASN B 153 -11.36 -5.00 -14.22
C ASN B 153 -12.06 -3.82 -14.95
N PHE B 154 -13.24 -4.07 -15.47
CA PHE B 154 -14.09 -3.05 -16.08
C PHE B 154 -13.48 -2.37 -17.29
N LEU B 155 -12.66 -3.11 -18.05
CA LEU B 155 -12.17 -2.67 -19.35
C LEU B 155 -13.37 -2.58 -20.27
N CYS B 156 -13.59 -1.38 -20.81
CA CYS B 156 -14.77 -1.10 -21.61
C CYS B 156 -14.49 0.00 -22.62
N VAL B 157 -14.78 -0.28 -23.89
CA VAL B 157 -14.74 0.74 -24.94
C VAL B 157 -16.15 0.84 -25.54
N HIS B 158 -16.66 2.07 -25.64
CA HIS B 158 -17.97 2.34 -26.25
C HIS B 158 -18.13 1.61 -27.59
N LYS B 159 -19.31 1.03 -27.82
CA LYS B 159 -19.60 0.26 -29.05
C LYS B 159 -19.18 0.96 -30.36
N LYS B 160 -19.40 2.27 -30.43
CA LYS B 160 -19.02 3.10 -31.59
C LYS B 160 -17.52 3.33 -31.75
N LEU B 161 -16.72 2.95 -30.75
CA LEU B 161 -15.26 3.02 -30.82
C LEU B 161 -14.59 1.64 -30.97
N ARG B 162 -15.36 0.59 -31.25
CA ARG B 162 -14.82 -0.79 -31.27
C ARG B 162 -13.93 -1.05 -32.50
N SER B 163 -12.96 -1.93 -32.29
CA SER B 163 -12.00 -2.35 -33.31
C SER B 163 -11.14 -1.22 -33.90
N LYS B 164 -10.93 -0.17 -33.10
CA LYS B 164 -10.02 0.93 -33.42
C LYS B 164 -8.70 0.89 -32.60
N ARG B 165 -8.37 -0.26 -32.00
CA ARG B 165 -7.14 -0.41 -31.19
C ARG B 165 -7.07 0.49 -29.95
N VAL B 166 -8.24 0.85 -29.40
CA VAL B 166 -8.30 1.66 -28.18
C VAL B 166 -8.01 0.80 -26.92
N ALA B 167 -8.42 -0.47 -26.93
CA ALA B 167 -8.21 -1.33 -25.77
C ALA B 167 -6.71 -1.49 -25.38
N PRO B 168 -5.82 -1.77 -26.35
CA PRO B 168 -4.38 -1.77 -26.07
C PRO B 168 -3.86 -0.45 -25.46
N VAL B 169 -4.43 0.68 -25.85
CA VAL B 169 -4.01 1.96 -25.28
C VAL B 169 -4.47 2.08 -23.81
N LEU B 170 -5.69 1.67 -23.54
CA LEU B 170 -6.19 1.59 -22.16
C LEU B 170 -5.34 0.63 -21.30
N ILE B 171 -4.95 -0.52 -21.86
CA ILE B 171 -4.15 -1.50 -21.16
C ILE B 171 -2.71 -0.99 -20.85
N ARG B 172 -2.07 -0.38 -21.86
CA ARG B 172 -0.76 0.21 -21.66
C ARG B 172 -0.78 1.35 -20.65
N GLU B 173 -1.84 2.15 -20.69
CA GLU B 173 -1.95 3.30 -19.80
C GLU B 173 -2.17 2.89 -18.33
N ILE B 174 -3.06 1.95 -18.06
CA ILE B 174 -3.20 1.44 -16.67
C ILE B 174 -1.90 0.73 -16.20
N THR B 175 -1.22 0.04 -17.11
CA THR B 175 0.05 -0.61 -16.83
C THR B 175 1.10 0.44 -16.35
N ARG B 176 1.24 1.51 -17.11
CA ARG B 176 2.13 2.64 -16.75
C ARG B 176 1.76 3.22 -15.37
N ARG B 177 0.48 3.50 -15.19
CA ARG B 177 -0.02 4.08 -13.93
C ARG B 177 0.22 3.20 -12.72
N VAL B 178 0.19 1.88 -12.94
CA VAL B 178 0.45 0.88 -11.92
C VAL B 178 1.96 0.81 -11.63
N HIS B 179 2.77 0.75 -12.70
CA HIS B 179 4.24 0.81 -12.61
C HIS B 179 4.75 2.01 -11.79
N LEU B 180 4.12 3.17 -11.96
CA LEU B 180 4.49 4.38 -11.20
C LEU B 180 4.38 4.18 -9.69
N GLU B 181 3.50 3.27 -9.26
CA GLU B 181 3.31 2.96 -7.84
C GLU B 181 4.12 1.74 -7.42
N GLY B 182 5.00 1.28 -8.30
CA GLY B 182 5.99 0.26 -7.96
C GLY B 182 5.44 -1.15 -7.95
N ILE B 183 4.37 -1.40 -8.71
CA ILE B 183 3.79 -2.74 -8.84
C ILE B 183 4.01 -3.21 -10.28
N PHE B 184 4.45 -4.44 -10.42
CA PHE B 184 4.88 -4.98 -11.70
C PHE B 184 4.22 -6.29 -12.06
N GLN B 185 3.19 -6.69 -11.31
CA GLN B 185 2.39 -7.87 -11.65
C GLN B 185 0.91 -7.55 -11.50
N ALA B 186 0.11 -8.29 -12.25
CA ALA B 186 -1.34 -8.15 -12.20
C ALA B 186 -2.03 -9.47 -12.40
N VAL B 187 -3.27 -9.51 -11.95
CA VAL B 187 -4.13 -10.65 -12.14
C VAL B 187 -5.40 -10.13 -12.79
N TYR B 188 -5.94 -10.90 -13.72
CA TYR B 188 -7.18 -10.55 -14.44
C TYR B 188 -7.87 -11.80 -14.97
N THR B 189 -9.19 -11.69 -15.15
CA THR B 189 -9.97 -12.74 -15.81
C THR B 189 -10.61 -12.16 -17.05
N ALA B 190 -10.76 -13.01 -18.07
CA ALA B 190 -11.53 -12.64 -19.27
C ALA B 190 -12.18 -13.89 -19.91
N GLY B 191 -13.18 -13.64 -20.74
CA GLY B 191 -13.87 -14.71 -21.49
C GLY B 191 -13.09 -15.16 -22.71
N VAL B 192 -12.19 -14.32 -23.17
CA VAL B 192 -11.43 -14.58 -24.39
C VAL B 192 -10.11 -15.28 -24.02
N VAL B 193 -9.60 -16.03 -24.99
CA VAL B 193 -8.35 -16.77 -24.86
C VAL B 193 -7.21 -15.86 -25.34
N LEU B 194 -6.26 -15.60 -24.46
CA LEU B 194 -5.13 -14.74 -24.72
C LEU B 194 -3.90 -15.49 -24.23
N PRO B 195 -2.70 -15.08 -24.66
CA PRO B 195 -1.49 -15.59 -24.00
C PRO B 195 -1.38 -15.06 -22.56
N LYS B 196 -1.30 -15.90 -21.53
CA LYS B 196 -1.57 -17.35 -21.53
C LYS B 196 -2.32 -17.66 -20.24
N PRO B 197 -3.45 -18.43 -20.34
CA PRO B 197 -4.19 -18.71 -19.11
C PRO B 197 -3.37 -19.48 -18.07
N VAL B 198 -3.38 -19.00 -16.83
CA VAL B 198 -2.87 -19.77 -15.69
C VAL B 198 -3.91 -20.82 -15.21
N GLY B 199 -5.18 -20.57 -15.52
CA GLY B 199 -6.23 -21.56 -15.26
C GLY B 199 -7.46 -21.25 -16.09
N THR B 200 -8.33 -22.23 -16.25
CA THR B 200 -9.58 -22.06 -17.01
C THR B 200 -10.74 -22.58 -16.19
N CYS B 201 -11.78 -21.76 -16.04
CA CYS B 201 -12.96 -22.12 -15.28
C CYS B 201 -14.18 -22.05 -16.18
N ARG B 202 -15.22 -22.76 -15.77
CA ARG B 202 -16.47 -22.79 -16.50
C ARG B 202 -17.57 -22.24 -15.59
N TYR B 203 -18.46 -21.43 -16.17
CA TYR B 203 -19.64 -20.93 -15.46
C TYR B 203 -20.71 -22.01 -15.38
N TRP B 204 -21.29 -22.15 -14.18
CA TRP B 204 -22.45 -23.03 -13.93
C TRP B 204 -23.59 -22.20 -13.34
N HIS B 205 -24.82 -22.65 -13.57
CA HIS B 205 -26.03 -21.90 -13.21
C HIS B 205 -27.05 -22.79 -12.54
N ARG B 206 -27.63 -22.29 -11.46
CA ARG B 206 -28.69 -23.00 -10.73
C ARG B 206 -29.98 -22.17 -10.86
N SER B 207 -30.96 -22.73 -11.56
CA SER B 207 -32.26 -22.08 -11.80
C SER B 207 -32.97 -21.88 -10.48
N LEU B 208 -33.45 -20.66 -10.27
CA LEU B 208 -34.29 -20.32 -9.12
C LEU B 208 -35.71 -19.97 -9.55
N ASN B 209 -35.83 -19.26 -10.67
CA ASN B 209 -37.12 -18.90 -11.26
C ASN B 209 -37.14 -19.43 -12.70
N PRO B 210 -37.29 -20.77 -12.85
CA PRO B 210 -37.12 -21.37 -14.18
C PRO B 210 -38.10 -20.83 -15.24
N ARG B 211 -39.33 -20.50 -14.84
CA ARG B 211 -40.31 -19.89 -15.75
C ARG B 211 -39.72 -18.70 -16.49
N LYS B 212 -39.24 -17.71 -15.72
CA LYS B 212 -38.62 -16.51 -16.28
C LYS B 212 -37.39 -16.82 -17.16
N LEU B 213 -36.55 -17.75 -16.70
CA LEU B 213 -35.31 -18.10 -17.40
C LEU B 213 -35.59 -18.75 -18.77
N ILE B 214 -36.62 -19.60 -18.81
CA ILE B 214 -37.10 -20.18 -20.08
C ILE B 214 -37.70 -19.09 -20.97
N GLU B 215 -38.54 -18.23 -20.40
CA GLU B 215 -39.15 -17.12 -21.15
C GLU B 215 -38.15 -16.21 -21.85
N VAL B 216 -37.04 -15.87 -21.17
CA VAL B 216 -36.00 -14.97 -21.75
C VAL B 216 -34.87 -15.73 -22.47
N LYS B 217 -35.06 -17.03 -22.70
CA LYS B 217 -34.12 -17.89 -23.43
C LYS B 217 -32.75 -17.96 -22.78
N PHE B 218 -32.70 -17.92 -21.44
CA PHE B 218 -31.47 -18.22 -20.71
C PHE B 218 -31.31 -19.73 -20.61
N SER B 219 -32.43 -20.44 -20.36
CA SER B 219 -32.51 -21.90 -20.44
C SER B 219 -33.53 -22.30 -21.49
N HIS B 220 -33.59 -23.60 -21.81
CA HIS B 220 -34.47 -24.13 -22.86
C HIS B 220 -35.53 -25.09 -22.35
N MET B 225 -39.60 -33.09 -20.44
CA MET B 225 -40.21 -32.40 -19.30
C MET B 225 -41.22 -31.34 -19.73
N THR B 226 -42.16 -31.02 -18.84
CA THR B 226 -43.08 -29.90 -19.02
C THR B 226 -42.63 -28.73 -18.15
N MET B 227 -43.23 -27.56 -18.40
CA MET B 227 -42.96 -26.36 -17.59
C MET B 227 -43.24 -26.65 -16.10
N GLN B 228 -44.42 -27.21 -15.80
CA GLN B 228 -44.81 -27.52 -14.43
C GLN B 228 -43.85 -28.51 -13.74
N ARG B 229 -43.34 -29.48 -14.49
CA ARG B 229 -42.37 -30.46 -13.96
C ARG B 229 -40.98 -29.85 -13.69
N THR B 230 -40.55 -28.92 -14.54
CA THR B 230 -39.29 -28.21 -14.36
C THR B 230 -39.37 -27.28 -13.14
N MET B 231 -40.53 -26.64 -12.94
CA MET B 231 -40.75 -25.83 -11.74
C MET B 231 -40.59 -26.70 -10.47
N LYS B 232 -41.22 -27.89 -10.48
CA LYS B 232 -41.12 -28.80 -9.34
C LYS B 232 -39.70 -29.30 -9.10
N LEU B 233 -38.96 -29.60 -10.17
CA LEU B 233 -37.58 -30.11 -10.06
C LEU B 233 -36.66 -29.13 -9.36
N TYR B 234 -36.80 -27.84 -9.69
CA TYR B 234 -35.98 -26.77 -9.14
C TYR B 234 -36.59 -26.08 -7.93
N ARG B 235 -37.75 -26.54 -7.45
CA ARG B 235 -38.34 -26.00 -6.23
C ARG B 235 -37.37 -26.16 -5.05
N LEU B 236 -37.33 -25.17 -4.17
CA LEU B 236 -36.42 -25.17 -3.04
C LEU B 236 -37.19 -25.06 -1.74
N PRO B 237 -36.57 -25.47 -0.61
CA PRO B 237 -37.18 -25.19 0.69
C PRO B 237 -37.43 -23.68 0.89
N GLU B 238 -38.41 -23.37 1.72
CA GLU B 238 -38.79 -21.97 2.02
C GLU B 238 -37.83 -21.27 2.97
N THR B 239 -37.11 -22.04 3.81
CA THR B 239 -36.11 -21.50 4.74
C THR B 239 -34.86 -22.40 4.79
N PRO B 240 -33.69 -21.82 5.19
CA PRO B 240 -32.46 -22.62 5.24
C PRO B 240 -32.48 -23.66 6.38
N LYS B 241 -31.64 -24.69 6.26
CA LYS B 241 -31.62 -25.79 7.23
C LYS B 241 -30.50 -25.71 8.26
N THR B 242 -29.38 -25.07 7.93
CA THR B 242 -28.23 -25.05 8.84
C THR B 242 -28.53 -24.32 10.12
N ALA B 243 -28.14 -24.98 11.22
CA ALA B 243 -28.29 -24.51 12.59
C ALA B 243 -27.47 -23.26 12.84
N GLY B 244 -28.14 -22.16 13.13
CA GLY B 244 -27.47 -20.95 13.59
C GLY B 244 -26.90 -20.07 12.48
N LEU B 245 -27.51 -20.16 11.29
CA LEU B 245 -27.20 -19.27 10.19
C LEU B 245 -27.77 -17.88 10.53
N ARG B 246 -27.00 -16.85 10.22
CA ARG B 246 -27.43 -15.48 10.41
C ARG B 246 -26.53 -14.53 9.62
N PRO B 247 -27.03 -13.32 9.32
CA PRO B 247 -26.21 -12.31 8.63
C PRO B 247 -24.91 -12.01 9.38
N MET B 248 -23.82 -11.85 8.64
CA MET B 248 -22.53 -11.43 9.22
C MET B 248 -22.68 -10.06 9.87
N GLU B 249 -22.07 -9.88 11.03
CA GLU B 249 -22.06 -8.63 11.76
C GLU B 249 -20.61 -8.20 12.00
N THR B 250 -20.45 -6.99 12.53
CA THR B 250 -19.15 -6.39 12.80
C THR B 250 -18.28 -7.27 13.69
N LYS B 251 -18.87 -7.82 14.75
CA LYS B 251 -18.18 -8.75 15.66
C LYS B 251 -17.57 -10.00 14.99
N ASP B 252 -18.09 -10.37 13.81
CA ASP B 252 -17.61 -11.54 13.07
C ASP B 252 -16.41 -11.26 12.16
N ILE B 253 -15.99 -10.00 12.07
CA ILE B 253 -14.94 -9.64 11.13
C ILE B 253 -13.66 -10.47 11.35
N PRO B 254 -13.16 -10.52 12.61
CA PRO B 254 -11.94 -11.28 12.86
C PRO B 254 -12.05 -12.76 12.53
N VAL B 255 -13.11 -13.43 12.98
CA VAL B 255 -13.24 -14.87 12.72
C VAL B 255 -13.48 -15.18 11.24
N VAL B 256 -14.29 -14.35 10.55
CA VAL B 256 -14.43 -14.49 9.09
C VAL B 256 -13.03 -14.40 8.44
N HIS B 257 -12.24 -13.41 8.84
CA HIS B 257 -10.86 -13.30 8.35
C HIS B 257 -10.00 -14.53 8.63
N GLN B 258 -10.09 -15.03 9.85
CA GLN B 258 -9.38 -16.25 10.23
C GLN B 258 -9.82 -17.46 9.41
N LEU B 259 -11.13 -17.67 9.28
CA LEU B 259 -11.67 -18.82 8.53
C LEU B 259 -11.20 -18.81 7.06
N LEU B 260 -11.34 -17.64 6.43
CA LEU B 260 -10.95 -17.48 5.04
C LEU B 260 -9.47 -17.70 4.82
N THR B 261 -8.64 -17.07 5.66
CA THR B 261 -7.19 -17.17 5.54
C THR B 261 -6.78 -18.64 5.56
N ARG B 262 -7.25 -19.38 6.57
CA ARG B 262 -6.90 -20.80 6.71
C ARG B 262 -7.45 -21.67 5.58
N TYR B 263 -8.71 -21.45 5.21
CA TYR B 263 -9.36 -22.18 4.13
C TYR B 263 -8.67 -22.00 2.76
N LEU B 264 -8.22 -20.78 2.47
CA LEU B 264 -7.58 -20.48 1.19
C LEU B 264 -6.17 -21.10 0.99
N LYS B 265 -5.51 -21.58 2.05
CA LYS B 265 -4.15 -22.14 1.92
C LYS B 265 -4.05 -23.37 1.02
N GLN B 266 -5.14 -24.11 0.90
CA GLN B 266 -5.17 -25.31 0.07
C GLN B 266 -5.12 -25.04 -1.45
N PHE B 267 -5.40 -23.79 -1.88
CA PHE B 267 -5.40 -23.45 -3.30
C PHE B 267 -4.08 -22.77 -3.70
N HIS B 268 -3.87 -22.64 -5.01
CA HIS B 268 -2.60 -22.16 -5.58
C HIS B 268 -2.64 -20.70 -6.12
N LEU B 269 -3.84 -20.16 -6.35
CA LEU B 269 -3.98 -18.74 -6.69
C LEU B 269 -5.07 -18.18 -5.79
N THR B 270 -4.70 -17.32 -4.84
CA THR B 270 -5.65 -16.81 -3.86
C THR B 270 -5.32 -15.36 -3.55
N PRO B 271 -6.31 -14.62 -3.02
CA PRO B 271 -6.00 -13.35 -2.39
C PRO B 271 -5.52 -13.60 -0.99
N VAL B 272 -4.77 -12.63 -0.47
CA VAL B 272 -4.31 -12.60 0.91
C VAL B 272 -4.90 -11.31 1.43
N MET B 273 -6.01 -11.44 2.18
CA MET B 273 -6.72 -10.29 2.69
C MET B 273 -6.26 -9.88 4.08
N SER B 274 -6.11 -8.57 4.27
CA SER B 274 -6.03 -8.01 5.60
C SER B 274 -7.42 -8.04 6.24
N GLN B 275 -7.48 -7.82 7.55
CA GLN B 275 -8.75 -7.74 8.24
C GLN B 275 -9.65 -6.61 7.69
N GLU B 276 -9.05 -5.49 7.29
CA GLU B 276 -9.81 -4.38 6.69
C GLU B 276 -10.37 -4.77 5.31
N GLU B 277 -9.59 -5.51 4.53
CA GLU B 277 -10.08 -6.08 3.27
C GLU B 277 -11.23 -7.08 3.48
N VAL B 278 -11.12 -7.93 4.51
CA VAL B 278 -12.22 -8.86 4.86
C VAL B 278 -13.48 -8.07 5.21
N GLU B 279 -13.33 -7.01 6.00
CA GLU B 279 -14.47 -6.16 6.27
C GLU B 279 -15.09 -5.64 4.94
N HIS B 280 -14.24 -5.07 4.09
CA HIS B 280 -14.74 -4.50 2.84
C HIS B 280 -15.44 -5.52 1.94
N TRP B 281 -14.84 -6.67 1.74
CA TRP B 281 -15.35 -7.63 0.80
C TRP B 281 -16.55 -8.43 1.28
N PHE B 282 -16.76 -8.56 2.60
CA PHE B 282 -17.80 -9.44 3.14
C PHE B 282 -18.90 -8.82 3.96
N TYR B 283 -18.65 -7.67 4.58
CA TYR B 283 -19.63 -7.05 5.45
C TYR B 283 -20.86 -6.73 4.61
N PRO B 284 -22.05 -7.23 5.03
CA PRO B 284 -23.23 -7.10 4.17
C PRO B 284 -23.61 -5.68 3.76
N GLN B 285 -23.91 -5.51 2.48
CA GLN B 285 -24.55 -4.29 1.98
C GLN B 285 -25.71 -4.74 1.10
N GLU B 286 -26.92 -4.37 1.47
CA GLU B 286 -28.13 -4.75 0.70
C GLU B 286 -27.92 -4.48 -0.80
N ASN B 287 -28.25 -5.47 -1.62
CA ASN B 287 -28.18 -5.40 -3.09
C ASN B 287 -26.76 -5.33 -3.66
N ILE B 288 -25.75 -5.72 -2.86
CA ILE B 288 -24.37 -5.75 -3.33
C ILE B 288 -23.72 -7.04 -2.91
N ILE B 289 -23.64 -7.24 -1.59
CA ILE B 289 -22.91 -8.38 -1.05
C ILE B 289 -23.65 -8.91 0.16
N ASP B 290 -23.81 -10.22 0.17
CA ASP B 290 -24.48 -10.93 1.26
C ASP B 290 -23.50 -11.94 1.81
N THR B 291 -23.34 -11.92 3.13
CA THR B 291 -22.54 -12.91 3.85
C THR B 291 -23.36 -13.42 5.04
N PHE B 292 -23.48 -14.73 5.12
CA PHE B 292 -24.14 -15.36 6.24
C PHE B 292 -23.13 -16.26 6.93
N VAL B 293 -23.14 -16.23 8.25
CA VAL B 293 -22.21 -17.02 9.07
C VAL B 293 -22.99 -18.09 9.82
N VAL B 294 -22.30 -19.17 10.19
CA VAL B 294 -22.91 -20.21 11.00
C VAL B 294 -22.32 -20.05 12.39
N GLU B 295 -23.17 -19.63 13.35
CA GLU B 295 -22.76 -19.49 14.76
C GLU B 295 -23.36 -20.68 15.50
N ASN B 296 -22.49 -21.56 16.03
CA ASN B 296 -22.97 -22.82 16.64
C ASN B 296 -23.49 -22.60 18.07
N ALA B 297 -23.87 -23.70 18.72
CA ALA B 297 -24.42 -23.72 20.08
C ALA B 297 -23.45 -23.26 21.15
N ASN B 298 -22.15 -23.30 20.84
CA ASN B 298 -21.08 -22.71 21.66
C ASN B 298 -20.91 -21.20 21.53
N GLY B 299 -21.53 -20.59 20.52
CA GLY B 299 -21.30 -19.19 20.18
C GLY B 299 -20.15 -18.97 19.20
N GLU B 300 -19.62 -20.05 18.61
CA GLU B 300 -18.44 -19.96 17.76
C GLU B 300 -18.92 -19.91 16.29
N VAL B 301 -18.31 -19.04 15.50
CA VAL B 301 -18.59 -18.98 14.07
C VAL B 301 -17.69 -20.00 13.39
N THR B 302 -18.31 -20.96 12.73
CA THR B 302 -17.58 -22.10 12.14
C THR B 302 -17.56 -22.15 10.61
N ASP B 303 -18.50 -21.48 9.99
CA ASP B 303 -18.62 -21.49 8.53
C ASP B 303 -19.19 -20.16 8.11
N PHE B 304 -18.98 -19.83 6.83
CA PHE B 304 -19.73 -18.77 6.19
C PHE B 304 -19.90 -19.03 4.71
N LEU B 305 -20.98 -18.46 4.19
CA LEU B 305 -21.27 -18.44 2.77
C LEU B 305 -21.41 -16.99 2.33
N SER B 306 -21.09 -16.71 1.08
CA SER B 306 -21.29 -15.35 0.55
C SER B 306 -21.62 -15.36 -0.93
N PHE B 307 -22.42 -14.37 -1.33
CA PHE B 307 -22.74 -14.14 -2.74
C PHE B 307 -22.96 -12.66 -3.04
N TYR B 308 -22.60 -12.24 -4.24
CA TYR B 308 -22.82 -10.84 -4.64
C TYR B 308 -23.91 -10.72 -5.68
N THR B 309 -24.48 -9.51 -5.74
CA THR B 309 -25.65 -9.18 -6.56
C THR B 309 -25.20 -8.47 -7.85
N LEU B 310 -25.44 -9.11 -8.99
CA LEU B 310 -25.12 -8.52 -10.29
C LEU B 310 -26.23 -8.83 -11.30
N PRO B 311 -27.18 -7.90 -11.48
CA PRO B 311 -28.19 -8.20 -12.52
C PRO B 311 -27.64 -8.02 -13.93
N SER B 312 -28.30 -8.66 -14.88
CA SER B 312 -27.98 -8.47 -16.29
C SER B 312 -29.18 -7.86 -16.97
N THR B 313 -28.96 -6.81 -17.76
CA THR B 313 -30.02 -6.27 -18.63
C THR B 313 -30.42 -7.33 -19.66
N ILE B 314 -31.73 -7.41 -19.94
CA ILE B 314 -32.29 -8.32 -20.93
C ILE B 314 -32.66 -7.43 -22.10
N MET B 315 -32.05 -7.66 -23.26
CA MET B 315 -32.33 -6.85 -24.43
C MET B 315 -33.41 -7.48 -25.29
N ASN B 316 -34.18 -6.61 -25.94
CA ASN B 316 -35.17 -6.98 -26.98
C ASN B 316 -36.40 -7.73 -26.49
N HIS B 317 -36.72 -7.64 -25.19
CA HIS B 317 -37.91 -8.30 -24.65
C HIS B 317 -38.91 -7.23 -24.19
N PRO B 318 -40.17 -7.31 -24.65
CA PRO B 318 -41.22 -6.33 -24.28
C PRO B 318 -41.56 -6.19 -22.80
N THR B 319 -41.49 -7.31 -22.08
CA THR B 319 -42.01 -7.45 -20.73
C THR B 319 -40.96 -7.63 -19.61
N HIS B 320 -39.89 -8.38 -19.88
CA HIS B 320 -38.81 -8.67 -18.92
C HIS B 320 -37.54 -7.87 -19.27
N LYS B 321 -37.09 -7.06 -18.31
CA LYS B 321 -36.04 -6.08 -18.56
C LYS B 321 -34.72 -6.37 -17.84
N SER B 322 -34.79 -7.03 -16.69
CA SER B 322 -33.61 -7.31 -15.87
C SER B 322 -33.64 -8.75 -15.35
N LEU B 323 -32.52 -9.43 -15.53
CA LEU B 323 -32.35 -10.77 -14.99
C LEU B 323 -31.54 -10.63 -13.69
N LYS B 324 -32.14 -11.01 -12.57
CA LYS B 324 -31.54 -10.84 -11.25
C LYS B 324 -30.72 -12.08 -10.90
N ALA B 325 -29.40 -11.90 -10.76
CA ALA B 325 -28.47 -13.02 -10.58
C ALA B 325 -27.63 -12.82 -9.31
N ALA B 326 -27.53 -13.88 -8.51
CA ALA B 326 -26.59 -13.96 -7.39
C ALA B 326 -25.36 -14.76 -7.80
N TYR B 327 -24.16 -14.30 -7.42
CA TYR B 327 -22.89 -14.95 -7.76
C TYR B 327 -22.20 -15.50 -6.51
N SER B 328 -21.89 -16.79 -6.52
CA SER B 328 -21.08 -17.41 -5.48
C SER B 328 -19.78 -16.62 -5.32
N PHE B 329 -19.44 -16.27 -4.08
CA PHE B 329 -18.23 -15.49 -3.81
C PHE B 329 -17.23 -16.38 -3.09
N TYR B 330 -17.07 -16.26 -1.76
CA TYR B 330 -16.22 -17.19 -1.04
C TYR B 330 -17.06 -17.92 0.00
N ASN B 331 -16.94 -19.25 0.02
CA ASN B 331 -17.69 -20.12 0.93
C ASN B 331 -16.68 -20.96 1.69
N VAL B 332 -16.69 -20.82 3.02
CA VAL B 332 -15.71 -21.49 3.86
C VAL B 332 -16.47 -22.44 4.78
N HIS B 333 -16.06 -23.71 4.75
CA HIS B 333 -16.64 -24.75 5.61
C HIS B 333 -15.57 -25.39 6.51
N THR B 334 -15.86 -25.46 7.81
CA THR B 334 -15.07 -26.28 8.75
C THR B 334 -15.90 -27.33 9.51
N GLN B 335 -17.16 -27.03 9.80
CA GLN B 335 -18.05 -27.96 10.52
C GLN B 335 -19.34 -28.30 9.78
N THR B 336 -19.93 -27.33 9.10
CA THR B 336 -21.08 -27.56 8.23
C THR B 336 -20.59 -28.10 6.88
N PRO B 337 -21.21 -29.19 6.38
CA PRO B 337 -20.82 -29.68 5.05
C PRO B 337 -21.06 -28.66 3.95
N LEU B 338 -20.13 -28.56 3.02
CA LEU B 338 -20.21 -27.59 1.93
C LEU B 338 -21.51 -27.71 1.15
N LEU B 339 -21.96 -28.95 0.94
CA LEU B 339 -23.22 -29.23 0.28
C LEU B 339 -24.41 -28.54 0.98
N ASP B 340 -24.47 -28.63 2.30
CA ASP B 340 -25.52 -27.96 3.09
C ASP B 340 -25.41 -26.43 3.01
N LEU B 341 -24.18 -25.92 3.07
CA LEU B 341 -23.91 -24.45 3.00
C LEU B 341 -24.46 -23.86 1.71
N MET B 342 -24.11 -24.50 0.60
CA MET B 342 -24.54 -24.03 -0.71
C MET B 342 -26.03 -24.23 -0.91
N SER B 343 -26.61 -25.29 -0.32
CA SER B 343 -28.06 -25.48 -0.33
C SER B 343 -28.75 -24.29 0.35
N ASP B 344 -28.23 -23.90 1.52
CA ASP B 344 -28.72 -22.69 2.19
C ASP B 344 -28.50 -21.39 1.39
N ALA B 345 -27.38 -21.29 0.68
CA ALA B 345 -27.14 -20.15 -0.19
C ALA B 345 -28.23 -20.06 -1.27
N LEU B 346 -28.51 -21.17 -1.95
CA LEU B 346 -29.61 -21.21 -2.95
C LEU B 346 -30.93 -20.75 -2.36
N VAL B 347 -31.24 -21.22 -1.15
CA VAL B 347 -32.52 -20.89 -0.49
C VAL B 347 -32.59 -19.39 -0.19
N LEU B 348 -31.51 -18.84 0.39
CA LEU B 348 -31.42 -17.40 0.69
C LEU B 348 -31.54 -16.51 -0.56
N ALA B 349 -30.89 -16.92 -1.65
CA ALA B 349 -30.98 -16.21 -2.94
C ALA B 349 -32.42 -16.21 -3.47
N LYS B 350 -33.05 -17.38 -3.46
CA LYS B 350 -34.47 -17.54 -3.81
C LYS B 350 -35.36 -16.61 -2.98
N MET B 351 -35.21 -16.68 -1.66
CA MET B 351 -35.94 -15.81 -0.72
C MET B 351 -35.80 -14.33 -1.06
N LYS B 352 -34.60 -13.90 -1.44
CA LYS B 352 -34.35 -12.49 -1.77
C LYS B 352 -34.81 -12.08 -3.17
N GLY B 353 -35.28 -13.03 -3.98
CA GLY B 353 -35.89 -12.73 -5.30
C GLY B 353 -34.98 -12.89 -6.49
N PHE B 354 -33.83 -13.55 -6.32
CA PHE B 354 -32.96 -13.85 -7.46
C PHE B 354 -33.62 -14.87 -8.42
N ASP B 355 -33.34 -14.70 -9.70
CA ASP B 355 -33.83 -15.59 -10.75
C ASP B 355 -32.90 -16.78 -10.96
N VAL B 356 -31.60 -16.58 -10.73
CA VAL B 356 -30.58 -17.60 -10.97
C VAL B 356 -29.41 -17.42 -9.98
N PHE B 357 -28.73 -18.51 -9.65
CA PHE B 357 -27.53 -18.51 -8.82
C PHE B 357 -26.34 -19.00 -9.66
N ASN B 358 -25.34 -18.15 -9.87
CA ASN B 358 -24.19 -18.50 -10.71
C ASN B 358 -22.98 -18.87 -9.88
N ALA B 359 -22.21 -19.83 -10.36
CA ALA B 359 -20.94 -20.20 -9.74
C ALA B 359 -19.97 -20.78 -10.76
N LEU B 360 -18.69 -20.57 -10.52
CA LEU B 360 -17.64 -21.16 -11.31
C LEU B 360 -17.27 -22.53 -10.76
N ASP B 361 -16.52 -23.32 -11.53
CA ASP B 361 -16.04 -24.65 -11.07
C ASP B 361 -14.70 -24.62 -10.32
N LEU B 362 -14.37 -23.49 -9.71
CA LEU B 362 -13.09 -23.31 -9.02
C LEU B 362 -13.19 -23.75 -7.56
N MET B 363 -12.08 -23.70 -6.81
CA MET B 363 -12.05 -24.17 -5.42
C MET B 363 -12.65 -25.60 -5.31
N GLU B 364 -13.57 -25.85 -4.35
CA GLU B 364 -14.20 -27.17 -4.23
C GLU B 364 -15.59 -27.22 -4.87
N ASN B 365 -15.91 -26.27 -5.73
CA ASN B 365 -17.27 -26.14 -6.25
C ASN B 365 -17.78 -27.37 -7.03
N LYS B 366 -16.89 -28.11 -7.70
CA LYS B 366 -17.28 -29.34 -8.39
C LYS B 366 -17.89 -30.41 -7.50
N THR B 367 -17.59 -30.39 -6.19
CA THR B 367 -18.18 -31.35 -5.26
C THR B 367 -19.68 -31.16 -5.01
N PHE B 368 -20.23 -29.98 -5.34
CA PHE B 368 -21.65 -29.72 -5.16
C PHE B 368 -22.44 -29.32 -6.42
N LEU B 369 -21.77 -28.94 -7.50
CA LEU B 369 -22.51 -28.34 -8.62
C LEU B 369 -23.59 -29.27 -9.15
N GLU B 370 -23.21 -30.47 -9.58
CA GLU B 370 -24.20 -31.42 -10.14
C GLU B 370 -25.26 -31.83 -9.10
N LYS B 371 -24.82 -32.15 -7.89
CA LYS B 371 -25.73 -32.57 -6.82
C LYS B 371 -26.84 -31.56 -6.50
N LEU B 372 -26.52 -30.27 -6.59
CA LEU B 372 -27.50 -29.19 -6.31
C LEU B 372 -28.22 -28.66 -7.56
N LYS B 373 -28.12 -29.40 -8.67
CA LYS B 373 -28.89 -29.13 -9.89
C LYS B 373 -28.48 -27.84 -10.61
N PHE B 374 -27.20 -27.50 -10.53
CA PHE B 374 -26.60 -26.53 -11.40
C PHE B 374 -26.49 -27.15 -12.80
N GLY B 375 -26.77 -26.36 -13.84
CA GLY B 375 -26.51 -26.75 -15.22
C GLY B 375 -25.26 -26.02 -15.73
N ILE B 376 -24.47 -26.72 -16.54
CA ILE B 376 -23.25 -26.12 -17.11
C ILE B 376 -23.64 -25.08 -18.16
N GLY B 377 -22.87 -24.00 -18.27
CA GLY B 377 -23.12 -22.93 -19.24
C GLY B 377 -22.18 -23.00 -20.44
N ASP B 378 -22.25 -21.97 -21.29
CA ASP B 378 -21.39 -21.83 -22.47
C ASP B 378 -20.04 -21.18 -22.20
N GLY B 379 -20.00 -20.22 -21.27
CA GLY B 379 -18.85 -19.35 -21.10
C GLY B 379 -17.69 -19.88 -20.27
N ASN B 380 -16.49 -19.91 -20.87
CA ASN B 380 -15.25 -20.09 -20.13
C ASN B 380 -14.81 -18.76 -19.50
N LEU B 381 -14.20 -18.84 -18.31
CA LEU B 381 -13.52 -17.70 -17.72
C LEU B 381 -12.07 -18.09 -17.59
N GLN B 382 -11.21 -17.35 -18.27
CA GLN B 382 -9.77 -17.57 -18.24
C GLN B 382 -9.15 -16.69 -17.15
N TYR B 383 -8.24 -17.25 -16.36
CA TYR B 383 -7.47 -16.49 -15.36
C TYR B 383 -6.11 -16.24 -15.92
N TYR B 384 -5.58 -15.04 -15.67
CA TYR B 384 -4.28 -14.60 -16.21
C TYR B 384 -3.47 -13.86 -15.18
N LEU B 385 -2.14 -14.02 -15.28
CA LEU B 385 -1.17 -13.17 -14.60
C LEU B 385 -0.36 -12.37 -15.62
N TYR B 386 -0.07 -11.11 -15.27
CA TYR B 386 0.77 -10.24 -16.10
C TYR B 386 2.16 -10.23 -15.49
N ASN B 387 3.17 -10.49 -16.31
CA ASN B 387 4.58 -10.48 -15.87
C ASN B 387 4.85 -11.48 -14.74
N TRP B 388 4.22 -12.65 -14.83
CA TRP B 388 4.50 -13.73 -13.90
C TRP B 388 4.33 -15.04 -14.62
N LYS B 389 5.46 -15.71 -14.77
CA LYS B 389 5.58 -16.95 -15.49
C LYS B 389 5.52 -18.06 -14.43
N CYS B 390 4.48 -18.90 -14.50
CA CYS B 390 4.36 -20.06 -13.63
C CYS B 390 3.55 -21.15 -14.35
N PRO B 391 3.62 -22.40 -13.87
CA PRO B 391 2.80 -23.45 -14.52
C PRO B 391 1.31 -23.18 -14.34
N SER B 392 0.51 -23.58 -15.32
CA SER B 392 -0.93 -23.51 -15.22
C SER B 392 -1.45 -24.47 -14.15
N MET B 393 -2.72 -24.31 -13.76
CA MET B 393 -3.35 -25.17 -12.74
C MET B 393 -4.77 -25.52 -13.15
N GLY B 394 -5.29 -26.59 -12.58
CA GLY B 394 -6.71 -26.96 -12.74
C GLY B 394 -7.61 -25.97 -12.02
N ALA B 395 -8.87 -25.93 -12.45
CA ALA B 395 -9.86 -25.01 -11.88
C ALA B 395 -9.98 -25.13 -10.36
N GLU B 396 -9.98 -26.36 -9.89
CA GLU B 396 -10.10 -26.67 -8.46
C GLU B 396 -8.93 -26.15 -7.58
N LYS B 397 -7.84 -25.68 -8.19
CA LYS B 397 -6.74 -25.02 -7.47
C LYS B 397 -6.82 -23.48 -7.51
N VAL B 398 -7.78 -22.95 -8.26
CA VAL B 398 -7.99 -21.52 -8.35
C VAL B 398 -8.87 -21.12 -7.15
N GLY B 399 -8.39 -20.17 -6.35
CA GLY B 399 -9.10 -19.68 -5.16
C GLY B 399 -9.25 -18.18 -5.15
N LEU B 400 -9.64 -17.63 -6.30
CA LEU B 400 -9.76 -16.20 -6.48
C LEU B 400 -11.02 -15.92 -7.32
N VAL B 401 -11.87 -15.03 -6.81
CA VAL B 401 -13.10 -14.61 -7.49
C VAL B 401 -13.09 -13.08 -7.69
N LEU B 402 -13.10 -12.68 -8.95
CA LEU B 402 -13.20 -11.29 -9.35
C LEU B 402 -14.59 -11.00 -9.91
N GLN B 403 -15.16 -9.88 -9.50
CA GLN B 403 -16.58 -9.56 -9.74
C GLN B 403 -16.88 -9.17 -11.18
N1 EBK C . 19.21 20.04 18.03
N3 EBK C . 22.39 18.02 18.53
C4 EBK C . 18.34 11.76 19.09
C5 EBK C . 19.49 14.42 16.85
C6 EBK C . 20.68 13.69 18.85
C7 EBK C . 17.39 12.23 16.92
C8 EBK C . 13.47 9.63 15.11
C10 EBK C . 14.40 10.04 16.27
C13 EBK C . 19.82 18.15 19.17
C15 EBK C . 21.56 14.65 18.62
C17 EBK C . 19.53 13.57 17.86
C20 EBK C . 21.50 15.62 17.45
C21 EBK C . 13.43 9.29 12.70
N EBK C . 16.37 10.51 18.28
N5 EBK C . 18.87 19.06 18.80
C3 EBK C . 17.23 10.69 19.24
C12 EBK C . 20.53 19.90 17.76
C14 EBK C . 20.52 15.52 16.60
C16 EBK C . 18.40 12.47 18.00
C18 EBK C . 16.40 11.30 17.03
C19 EBK C . 21.05 18.63 18.49
N2 EBK C . 13.72 10.23 13.76
N4 EBK C . 15.39 11.04 15.96
C EBK C . 21.30 20.89 16.86
C1 EBK C . 19.63 16.92 20.06
C2 EBK C . 17.45 18.96 19.27
C9 EBK C . 15.13 10.67 13.64
C11 EBK C . 15.39 11.72 14.73
O EBK C . 24.20 16.41 17.55
O1 EBK C . 22.78 17.73 16.10
CL EBK C . 20.38 16.63 15.21
CL1 EBK C . 22.91 14.85 19.72
S EBK C . 22.84 16.90 17.31
S1 MYA D . 11.87 8.04 18.19
C2 MYA D . 11.51 9.63 18.89
C3 MYA D . 10.86 9.41 20.24
N4 MYA D . 10.35 10.63 20.83
C5 MYA D . 11.05 11.40 21.69
O5 MYA D . 12.19 11.11 22.06
C6 MYA D . 10.42 12.70 22.14
C7 MYA D . 10.67 13.04 23.61
N8 MYA D . 10.24 11.99 24.54
C9 MYA D . 8.95 11.70 24.73
O9 MYA D . 8.04 12.32 24.21
C10 MYA D . 8.64 10.55 25.65
O10 MYA D . 9.66 10.50 26.65
C11 MYA D . 8.43 9.18 24.93
C12 MYA D . 8.35 8.06 25.96
C13 MYA D . 9.55 8.81 23.96
C14 MYA D . 7.12 9.22 24.17
N1A MYA D . 10.94 4.22 21.43
O1A MYA D . 5.31 6.38 28.55
P1A MYA D . 6.52 5.88 29.30
C1X MYA D . 10.10 2.86 26.31
C2A MYA D . 10.46 3.07 21.95
O2A MYA D . 6.44 5.69 30.81
P2A MYA D . 7.72 8.40 28.49
C2M MYA D . 10.40 7.56 17.45
O2M MYA D . 9.52 8.35 17.25
C2X MYA D . 10.93 2.64 27.56
O2X MYA D . 12.04 1.80 27.26
N3A MYA D . 10.32 2.86 23.29
O3A MYA D . 7.77 6.85 28.97
C3M MYA D . 10.14 6.12 17.00
C3X MYA D . 9.91 1.99 28.47
O3X MYA D . 9.69 0.64 28.09
P3X MYA D . 10.34 -0.58 28.87
C4A MYA D . 10.60 3.86 24.15
O4A MYA D . 9.13 8.92 28.66
C4M MYA D . 9.31 5.38 18.07
C4X MYA D . 8.66 2.80 28.15
O4X MYA D . 8.80 3.20 26.76
C5A MYA D . 11.13 5.15 23.66
O5A MYA D . 6.60 9.13 29.18
C5M MYA D . 9.38 3.86 17.92
C5X MYA D . 8.45 4.04 28.99
O5X MYA D . 7.15 4.53 28.65
C6A MYA D . 11.26 5.28 22.19
N6A MYA D . 11.71 6.41 21.64
O6A MYA D . 7.36 8.38 26.92
C6M MYA D . 8.35 3.14 18.78
N7A MYA D . 11.35 5.94 24.73
O7A MYA D . 11.77 -0.17 29.06
C7M MYA D . 8.38 1.62 18.60
C8A MYA D . 11.00 5.23 25.84
O8A MYA D . 9.50 -0.64 30.10
C8M MYA D . 7.49 1.18 17.44
N9A MYA D . 10.57 3.98 25.47
O9A MYA D . 10.24 -1.79 27.97
C9M MYA D . 7.49 -0.32 17.24
CAM MYA D . 6.80 -0.69 15.92
CBM MYA D . 5.28 -0.59 16.04
CCM MYA D . 4.55 -1.01 14.76
CDM MYA D . 4.60 -2.50 14.47
CEM MYA D . 3.84 -2.82 13.19
CFM MYA D . 4.10 -4.21 12.65
MG MG E . 3.82 8.48 29.73
C1 GOL F . 15.79 -6.29 15.27
O1 GOL F . 16.06 -4.86 15.19
C2 GOL F . 16.91 -7.00 14.53
O2 GOL F . 16.57 -8.37 14.33
C3 GOL F . 18.22 -6.92 15.31
O3 GOL F . 19.25 -7.63 14.59
N1 EBK G . -25.36 -12.12 -18.49
N3 EBK G . -24.58 -15.73 -19.32
C4 EBK G . -17.48 -13.72 -19.52
C5 EBK G . -20.41 -14.19 -17.35
C6 EBK G . -20.11 -15.24 -19.54
C7 EBK G . -17.89 -12.60 -17.43
C8 EBK G . -14.31 -9.85 -15.86
C10 EBK G . -15.57 -9.83 -16.75
C13 EBK G . -23.81 -13.22 -19.75
C15 EBK G . -21.27 -15.86 -19.41
C17 EBK G . -19.65 -14.32 -18.41
C20 EBK G . -22.14 -15.70 -18.18
C21 EBK G . -13.62 -9.92 -13.53
N EBK G . -15.83 -12.11 -18.63
N5 EBK G . -24.34 -12.06 -19.27
C3 EBK G . -16.15 -12.93 -19.57
C12 EBK G . -25.65 -13.44 -18.36
C14 EBK G . -21.73 -14.92 -17.22
C16 EBK G . -18.29 -13.55 -18.52
C18 EBK G . -16.73 -11.91 -17.48
C19 EBK G . -24.64 -14.26 -19.18
N2 EBK G . -14.73 -10.00 -14.45
N4 EBK G . -16.35 -10.98 -16.41
C EBK G . -26.82 -14.00 -17.49
C1 EBK G . -22.61 -13.32 -20.67
C2 EBK G . -23.74 -10.74 -19.64
C9 EBK G . -15.42 -11.31 -14.30
C11 EBK G . -16.75 -11.18 -15.08
O EBK G . -23.67 -18.07 -18.60
O1 EBK G . -24.53 -16.55 -16.95
CL EBK G . -22.62 -14.63 -15.73
CL1 EBK G . -21.80 -16.91 -20.70
S EBK G . -23.73 -16.67 -18.17
S1 MYA H . -12.48 -8.50 -18.92
C2 MYA H . -13.90 -7.64 -19.55
C3 MYA H . -13.57 -7.07 -20.92
N4 MYA H . -14.62 -6.16 -21.37
C5 MYA H . -15.62 -6.52 -22.20
O5 MYA H . -15.74 -7.65 -22.66
C6 MYA H . -16.68 -5.48 -22.45
C7 MYA H . -17.22 -5.54 -23.90
N8 MYA H . -16.17 -5.35 -24.88
C9 MYA H . -15.51 -4.21 -25.01
O9 MYA H . -15.75 -3.19 -24.38
C10 MYA H . -14.38 -4.24 -26.02
O10 MYA H . -14.62 -5.35 -26.91
C11 MYA H . -12.99 -4.44 -25.40
C12 MYA H . -11.96 -4.61 -26.51
C13 MYA H . -12.93 -5.68 -24.53
C14 MYA H . -12.59 -3.21 -24.57
N1A MYA H . -8.69 -8.43 -22.24
O1A MYA H . -9.53 -2.01 -29.15
P1A MYA H . -9.49 -3.33 -29.88
C1X MYA H . -7.52 -7.67 -27.21
C2A MYA H . -7.48 -8.14 -22.81
O2A MYA H . -9.45 -3.35 -31.40
P2A MYA H . -12.20 -3.80 -29.05
C2M MYA H . -11.51 -7.37 -18.11
O2M MYA H . -11.92 -6.28 -17.77
C2X MYA H . -7.60 -8.52 -28.47
O2X MYA H . -7.17 -9.87 -28.24
N3A MYA H . -7.32 -7.95 -24.15
O3A MYA H . -10.71 -4.28 -29.47
C3M MYA H . -10.06 -7.71 -17.81
C3X MYA H . -6.70 -7.69 -29.38
O3X MYA H . -5.34 -7.97 -29.05
P3X MYA H . -4.36 -8.86 -29.97
C4A MYA H . -8.41 -8.07 -24.97
O4A MYA H . -13.17 -5.00 -29.18
C4M MYA H . -9.21 -6.98 -18.86
C4X MYA H . -7.00 -6.25 -28.98
O4X MYA H . -7.48 -6.29 -27.61
C5A MYA H . -9.75 -8.38 -24.43
O5A MYA H . -12.50 -2.47 -29.66
C5M MYA H . -7.72 -7.22 -18.61
C5X MYA H . -8.06 -5.58 -29.85
O5X MYA H . -8.27 -4.24 -29.37
C6A MYA H . -9.82 -8.54 -22.97
N6A MYA H . -11.01 -8.84 -22.41
O6A MYA H . -12.02 -3.53 -27.46
C6M MYA H . -6.88 -6.35 -19.53
N7A MYA H . -10.64 -8.44 -25.45
O7A MYA H . -5.17 -10.09 -30.32
C7M MYA H . -5.41 -6.75 -19.44
C8A MYA H . -9.93 -8.18 -26.58
O8A MYA H . -4.08 -7.92 -31.12
C8M MYA H . -4.71 -6.16 -18.22
N9A MYA H . -8.62 -7.96 -26.29
O9A MYA H . -3.17 -9.11 -29.07
C9M MYA H . -3.23 -6.53 -18.19
CAM MYA H . -2.59 -6.14 -16.85
CBM MYA H . -2.19 -4.66 -16.92
CCM MYA H . -1.68 -4.13 -15.60
CDM MYA H . -0.23 -4.57 -15.39
CEM MYA H . 0.37 -3.92 -14.14
CFM MYA H . 1.76 -4.46 -13.92
MG MG I . -11.30 0.24 -29.99
C1 GOL J . 0.54 -18.81 -17.29
O1 GOL J . 0.84 -20.06 -16.66
C2 GOL J . 0.84 -17.65 -16.33
O2 GOL J . 2.25 -17.56 -16.03
C3 GOL J . 0.36 -16.34 -16.93
O3 GOL J . -1.05 -16.19 -16.68
#